data_9U81
#
_entry.id   9U81
#
_cell.length_a   1.00
_cell.length_b   1.00
_cell.length_c   1.00
_cell.angle_alpha   90.00
_cell.angle_beta   90.00
_cell.angle_gamma   90.00
#
_symmetry.space_group_name_H-M   'P 1'
#
loop_
_entity.id
_entity.type
_entity.pdbx_description
1 polymer 'anti-BRIL Fab heavy chain'
2 polymer 'anti-BRIL Fab light chain'
3 polymer 'Vasopressin V2 receptor,Soluble cytochrome b562'
4 non-polymer Tolvaptan
#
loop_
_entity_poly.entity_id
_entity_poly.type
_entity_poly.pdbx_seq_one_letter_code
_entity_poly.pdbx_strand_id
1 'polypeptide(L)'
;ELSEVQLVESGGGLVQPGGSLRLSCAASGFNVVDFSLHWVRQAPGKGLEWVAYISSSSGSTSYADSVKGRFTISADTSKN
TAYLQMNSLRAEDTAVYYCARWGYWPGEPWWKAFDYWGQGTLVTVSSASTKGPSVFPLAPSSKSTSGGTAALGCLVKDYF
PEPVTVSWNSGALTSGVHTFPAVLQSSGLYSLSSVVTVPSSSLGTQTYICNVNHKPSNTKVDKKVEPKS
;
H
2 'polypeptide(L)'
;SDIQMTQSPSSLSASVGDRVTITCRASQSVSSAVAWYQQKPGKAPKLLIYSASSLYSGVPSRFSGSRSGTDFTLTISSLQ
PEDFATYYCQQYLYYSLVTFGQGTKVEIKRTVAAPSVFIFPPSDSQLKSGTASVVCLLNNFYPREAKVQWKVDNALQSGN
SQESVTEQDSKDSTYSLSSTLTLSKADYEKHKVYACEVTHQGLSSPVTKSFNRGEC
;
L
3 'polypeptide(L)'
;MLMASTTSAVPGHPSLPSLPSNSSQERPLDTRDPLLARAELALLSIVFVAVALSNGLVLAALARRGRRGHWAPIHVFIGH
LCLADLAVALFQVLPQLAWKATDRFRGPDALCRAVKYLQMVGMYASSYMILAMTLDRHRAICRPMLAYRHGSGAHWNRPV
LVAWAFSLLLSLPQLFIFAQRNVEGGSGVTDCWACFAEPWGRRTYVTWIALMVFVAPTLGIAACQVLIFREIHAARRQLA
DLEDNWETLNDNLKVIEKADNAAQVKDALTKMRAAALDAQKATPPKLEDKSPDSPEMKDFRHGFDILVGQIDDALKLANE
GKVKEAQAAAEQLKTTRNAYIQKYLERARSTLAAVAKTVRMTLVIVVVYVLCWAPFFLVQLWAAWDPEAPLEGAPFVLLM
LLASLNSCTNPWIYASFSSSVSSELRSLLCCARGRTPPSLGPQDESCTTASSSLAKDTSS
;
R
#
# COMPACT_ATOMS: atom_id res chain seq x y z
N GLU A 4 -13.09 -16.27 -24.41
CA GLU A 4 -12.92 -17.65 -23.87
C GLU A 4 -13.71 -17.85 -22.58
N VAL A 5 -13.45 -17.00 -21.58
CA VAL A 5 -14.14 -17.04 -20.31
C VAL A 5 -15.25 -16.02 -20.33
N GLN A 6 -16.46 -16.44 -19.98
CA GLN A 6 -17.62 -15.58 -20.11
C GLN A 6 -18.71 -16.05 -19.16
N LEU A 7 -19.42 -15.10 -18.55
CA LEU A 7 -20.58 -15.37 -17.72
C LEU A 7 -21.75 -14.56 -18.24
N VAL A 8 -22.90 -15.20 -18.42
CA VAL A 8 -24.09 -14.56 -18.95
C VAL A 8 -25.25 -14.79 -18.00
N GLU A 9 -25.92 -13.72 -17.62
CA GLU A 9 -27.07 -13.78 -16.72
C GLU A 9 -28.37 -13.64 -17.49
N SER A 10 -29.42 -14.24 -16.95
CA SER A 10 -30.74 -14.20 -17.58
C SER A 10 -31.78 -14.42 -16.49
N GLY A 11 -33.03 -14.11 -16.84
CA GLY A 11 -34.15 -14.28 -15.93
C GLY A 11 -34.65 -12.99 -15.30
N GLY A 12 -33.94 -11.88 -15.48
CA GLY A 12 -34.38 -10.63 -14.91
C GLY A 12 -35.62 -10.10 -15.60
N GLY A 13 -36.30 -9.19 -14.92
CA GLY A 13 -37.51 -8.61 -15.46
C GLY A 13 -38.23 -7.79 -14.41
N LEU A 14 -39.48 -7.44 -14.72
CA LEU A 14 -40.32 -6.64 -13.84
C LEU A 14 -41.31 -7.55 -13.14
N VAL A 15 -41.42 -7.39 -11.82
CA VAL A 15 -42.31 -8.19 -10.98
C VAL A 15 -42.95 -7.26 -9.96
N GLN A 16 -43.78 -7.84 -9.10
CA GLN A 16 -44.47 -7.12 -8.04
C GLN A 16 -43.97 -7.55 -6.68
N PRO A 17 -44.12 -6.71 -5.65
CA PRO A 17 -43.65 -7.10 -4.32
C PRO A 17 -44.30 -8.39 -3.85
N GLY A 18 -43.52 -9.21 -3.18
CA GLY A 18 -43.99 -10.50 -2.72
C GLY A 18 -43.99 -11.60 -3.76
N GLY A 19 -43.55 -11.31 -4.98
CA GLY A 19 -43.53 -12.28 -6.05
C GLY A 19 -42.30 -13.16 -5.98
N SER A 20 -42.09 -13.90 -7.07
CA SER A 20 -40.97 -14.83 -7.17
C SER A 20 -40.24 -14.60 -8.49
N LEU A 21 -38.93 -14.85 -8.47
CA LEU A 21 -38.10 -14.70 -9.65
C LEU A 21 -37.01 -15.76 -9.61
N ARG A 22 -36.41 -16.02 -10.77
CA ARG A 22 -35.42 -17.08 -10.91
C ARG A 22 -34.31 -16.59 -11.84
N LEU A 23 -33.25 -16.05 -11.26
CA LEU A 23 -32.10 -15.63 -12.03
C LEU A 23 -31.17 -16.82 -12.29
N SER A 24 -30.55 -16.83 -13.47
CA SER A 24 -29.63 -17.87 -13.84
C SER A 24 -28.37 -17.26 -14.43
N CYS A 25 -27.24 -17.91 -14.18
CA CYS A 25 -25.95 -17.50 -14.75
C CYS A 25 -25.30 -18.72 -15.37
N ALA A 26 -24.95 -18.59 -16.65
CA ALA A 26 -24.28 -19.64 -17.40
C ALA A 26 -22.83 -19.23 -17.63
N ALA A 27 -21.90 -20.13 -17.35
CA ALA A 27 -20.48 -19.88 -17.50
C ALA A 27 -19.92 -20.73 -18.64
N SER A 28 -19.08 -20.09 -19.47
CA SER A 28 -18.42 -20.76 -20.58
C SER A 28 -16.93 -20.46 -20.51
N GLY A 29 -16.12 -21.49 -20.79
CA GLY A 29 -14.68 -21.36 -20.74
C GLY A 29 -14.03 -21.92 -19.50
N PHE A 30 -14.81 -22.31 -18.50
CA PHE A 30 -14.27 -22.91 -17.28
C PHE A 30 -15.36 -23.76 -16.65
N ASN A 31 -14.99 -24.43 -15.56
CA ASN A 31 -15.90 -25.32 -14.85
C ASN A 31 -16.40 -24.63 -13.58
N VAL A 32 -17.71 -24.68 -13.35
CA VAL A 32 -18.28 -24.08 -12.16
C VAL A 32 -17.79 -24.80 -10.91
N VAL A 33 -17.43 -26.08 -11.04
CA VAL A 33 -16.95 -26.82 -9.88
C VAL A 33 -15.63 -26.26 -9.38
N ASP A 34 -14.79 -25.79 -10.30
CA ASP A 34 -13.46 -25.30 -9.94
C ASP A 34 -13.48 -23.87 -9.41
N PHE A 35 -14.61 -23.17 -9.49
CA PHE A 35 -14.70 -21.80 -9.01
C PHE A 35 -16.01 -21.60 -8.27
N SER A 36 -15.97 -20.75 -7.24
CA SER A 36 -17.16 -20.36 -6.52
C SER A 36 -17.86 -19.23 -7.26
N LEU A 37 -19.19 -19.27 -7.29
CA LEU A 37 -19.98 -18.30 -8.03
C LEU A 37 -20.71 -17.40 -7.04
N HIS A 38 -20.48 -16.09 -7.17
CA HIS A 38 -21.07 -15.11 -6.28
C HIS A 38 -22.05 -14.25 -7.06
N TRP A 39 -23.12 -13.84 -6.39
CA TRP A 39 -24.11 -12.92 -6.94
C TRP A 39 -23.99 -11.61 -6.19
N VAL A 40 -23.72 -10.53 -6.94
CA VAL A 40 -23.49 -9.20 -6.39
C VAL A 40 -24.48 -8.26 -7.06
N ARG A 41 -25.26 -7.55 -6.28
CA ARG A 41 -26.26 -6.64 -6.82
C ARG A 41 -25.85 -5.20 -6.60
N GLN A 42 -26.28 -4.33 -7.52
CA GLN A 42 -26.00 -2.90 -7.46
C GLN A 42 -27.31 -2.17 -7.69
N ALA A 43 -27.76 -1.42 -6.69
CA ALA A 43 -28.98 -0.65 -6.85
C ALA A 43 -28.75 0.47 -7.86
N PRO A 44 -29.82 0.95 -8.51
CA PRO A 44 -29.64 2.03 -9.48
C PRO A 44 -29.00 3.27 -8.87
N GLY A 45 -27.79 3.60 -9.33
CA GLY A 45 -27.11 4.80 -8.88
C GLY A 45 -26.36 4.66 -7.57
N LYS A 46 -26.29 3.46 -7.00
CA LYS A 46 -25.62 3.23 -5.73
C LYS A 46 -24.44 2.27 -5.94
N GLY A 47 -23.71 2.00 -4.85
CA GLY A 47 -22.54 1.17 -4.93
C GLY A 47 -22.85 -0.30 -4.93
N LEU A 48 -21.82 -1.10 -5.20
CA LEU A 48 -21.97 -2.54 -5.24
C LEU A 48 -22.29 -3.09 -3.84
N GLU A 49 -22.96 -4.24 -3.82
CA GLU A 49 -23.36 -4.85 -2.56
C GLU A 49 -23.41 -6.36 -2.76
N TRP A 50 -22.50 -7.08 -2.11
CA TRP A 50 -22.50 -8.53 -2.20
C TRP A 50 -23.83 -9.08 -1.70
N VAL A 51 -24.37 -10.05 -2.43
CA VAL A 51 -25.68 -10.63 -2.14
C VAL A 51 -25.57 -12.06 -1.64
N ALA A 52 -25.00 -12.95 -2.46
CA ALA A 52 -24.96 -14.36 -2.08
C ALA A 52 -23.78 -15.04 -2.75
N TYR A 53 -23.54 -16.29 -2.38
CA TYR A 53 -22.49 -17.06 -3.04
C TYR A 53 -22.74 -18.55 -2.84
N ILE A 54 -22.27 -19.33 -3.81
CA ILE A 54 -22.34 -20.79 -3.76
C ILE A 54 -21.01 -21.36 -4.20
N SER A 55 -20.72 -22.57 -3.71
CA SER A 55 -19.51 -23.30 -4.06
C SER A 55 -19.90 -24.75 -4.29
N SER A 56 -19.97 -25.16 -5.56
CA SER A 56 -20.51 -26.47 -5.90
C SER A 56 -19.61 -27.62 -5.47
N SER A 57 -18.32 -27.37 -5.27
CA SER A 57 -17.42 -28.46 -4.89
C SER A 57 -17.84 -29.08 -3.57
N SER A 58 -18.19 -28.26 -2.58
CA SER A 58 -18.58 -28.74 -1.27
C SER A 58 -20.07 -28.55 -0.97
N GLY A 59 -20.80 -27.84 -1.81
CA GLY A 59 -22.20 -27.56 -1.57
C GLY A 59 -22.45 -26.41 -0.63
N SER A 60 -21.41 -25.76 -0.13
CA SER A 60 -21.59 -24.65 0.80
C SER A 60 -22.22 -23.46 0.11
N THR A 61 -23.14 -22.80 0.80
CA THR A 61 -23.79 -21.60 0.30
C THR A 61 -23.83 -20.57 1.42
N SER A 62 -23.89 -19.29 1.03
CA SER A 62 -24.00 -18.23 2.01
C SER A 62 -24.78 -17.08 1.40
N TYR A 63 -25.42 -16.30 2.27
CA TYR A 63 -26.25 -15.18 1.86
C TYR A 63 -25.97 -13.99 2.76
N ALA A 64 -26.34 -12.81 2.27
CA ALA A 64 -26.22 -11.60 3.05
C ALA A 64 -27.35 -11.50 4.06
N ASP A 65 -27.11 -10.76 5.14
CA ASP A 65 -28.11 -10.64 6.19
C ASP A 65 -29.37 -9.97 5.66
N SER A 66 -29.21 -8.96 4.80
CA SER A 66 -30.36 -8.22 4.30
C SER A 66 -31.30 -9.09 3.47
N VAL A 67 -30.81 -10.24 2.98
CA VAL A 67 -31.62 -11.08 2.09
C VAL A 67 -31.62 -12.52 2.59
N LYS A 68 -31.14 -12.74 3.82
CA LYS A 68 -31.09 -14.09 4.36
C LYS A 68 -32.50 -14.60 4.62
N GLY A 69 -32.74 -15.86 4.26
CA GLY A 69 -34.02 -16.49 4.47
C GLY A 69 -35.02 -16.31 3.33
N ARG A 70 -34.69 -15.49 2.34
CA ARG A 70 -35.55 -15.28 1.18
C ARG A 70 -34.96 -15.87 -0.10
N PHE A 71 -33.72 -15.54 -0.41
CA PHE A 71 -33.07 -16.06 -1.60
C PHE A 71 -32.54 -17.46 -1.35
N THR A 72 -32.45 -18.25 -2.42
CA THR A 72 -31.88 -19.59 -2.37
C THR A 72 -30.99 -19.79 -3.59
N ILE A 73 -29.72 -20.07 -3.37
CA ILE A 73 -28.74 -20.20 -4.44
C ILE A 73 -28.39 -21.68 -4.60
N SER A 74 -28.44 -22.16 -5.84
CA SER A 74 -28.11 -23.53 -6.16
C SER A 74 -27.22 -23.55 -7.41
N ALA A 75 -26.72 -24.73 -7.74
CA ALA A 75 -25.85 -24.89 -8.90
C ALA A 75 -26.15 -26.22 -9.57
N ASP A 76 -25.79 -26.31 -10.85
CA ASP A 76 -25.94 -27.54 -11.62
C ASP A 76 -24.67 -27.70 -12.43
N THR A 77 -23.90 -28.76 -12.14
CA THR A 77 -22.64 -28.99 -12.82
C THR A 77 -22.85 -29.54 -14.23
N SER A 78 -23.84 -30.42 -14.41
CA SER A 78 -24.07 -31.00 -15.72
C SER A 78 -24.33 -29.92 -16.77
N LYS A 79 -25.21 -28.98 -16.45
CA LYS A 79 -25.44 -27.83 -17.32
C LYS A 79 -24.45 -26.69 -17.06
N ASN A 80 -23.70 -26.74 -15.97
CA ASN A 80 -22.69 -25.74 -15.65
C ASN A 80 -23.34 -24.36 -15.52
N THR A 81 -24.31 -24.27 -14.61
CA THR A 81 -25.07 -23.03 -14.44
C THR A 81 -25.46 -22.86 -12.99
N ALA A 82 -25.38 -21.63 -12.49
CA ALA A 82 -25.82 -21.29 -11.15
C ALA A 82 -27.18 -20.61 -11.20
N TYR A 83 -27.99 -20.83 -10.17
CA TYR A 83 -29.33 -20.28 -10.11
C TYR A 83 -29.55 -19.61 -8.78
N LEU A 84 -30.36 -18.56 -8.79
CA LEU A 84 -30.74 -17.81 -7.60
C LEU A 84 -32.26 -17.61 -7.64
N GLN A 85 -32.96 -18.31 -6.75
CA GLN A 85 -34.40 -18.16 -6.62
C GLN A 85 -34.69 -17.08 -5.58
N MET A 86 -35.40 -16.03 -6.00
CA MET A 86 -35.71 -14.90 -5.15
C MET A 86 -37.20 -14.93 -4.82
N ASN A 87 -37.52 -14.83 -3.53
CA ASN A 87 -38.89 -14.88 -3.05
C ASN A 87 -39.13 -13.76 -2.07
N SER A 88 -40.41 -13.40 -1.92
CA SER A 88 -40.80 -12.33 -1.01
C SER A 88 -40.05 -11.05 -1.33
N LEU A 89 -39.96 -10.72 -2.61
CA LEU A 89 -39.24 -9.54 -3.04
C LEU A 89 -39.85 -8.28 -2.43
N ARG A 90 -39.14 -7.17 -2.59
CA ARG A 90 -39.61 -5.88 -2.10
C ARG A 90 -39.01 -4.79 -2.99
N ALA A 91 -39.37 -3.54 -2.69
CA ALA A 91 -38.94 -2.44 -3.54
C ALA A 91 -37.42 -2.31 -3.56
N GLU A 92 -36.78 -2.46 -2.40
CA GLU A 92 -35.33 -2.30 -2.32
C GLU A 92 -34.56 -3.37 -3.08
N ASP A 93 -35.22 -4.45 -3.50
CA ASP A 93 -34.54 -5.51 -4.23
C ASP A 93 -34.26 -5.16 -5.68
N THR A 94 -34.84 -4.07 -6.19
CA THR A 94 -34.55 -3.67 -7.57
C THR A 94 -33.09 -3.29 -7.72
N ALA A 95 -32.43 -3.86 -8.72
CA ALA A 95 -31.00 -3.62 -8.92
C ALA A 95 -30.53 -4.39 -10.14
N VAL A 96 -29.28 -4.16 -10.50
CA VAL A 96 -28.59 -4.94 -11.52
C VAL A 96 -27.78 -6.01 -10.82
N TYR A 97 -28.05 -7.28 -11.13
CA TYR A 97 -27.38 -8.40 -10.51
C TYR A 97 -26.31 -8.94 -11.45
N TYR A 98 -25.05 -8.85 -11.02
CA TYR A 98 -23.93 -9.45 -11.71
C TYR A 98 -23.55 -10.76 -11.03
N CYS A 99 -22.96 -11.65 -11.81
CA CYS A 99 -22.41 -12.90 -11.29
C CYS A 99 -20.91 -12.89 -11.48
N ALA A 100 -20.18 -13.09 -10.39
CA ALA A 100 -18.73 -13.06 -10.40
C ALA A 100 -18.17 -14.45 -10.07
N ARG A 101 -16.96 -14.69 -10.53
CA ARG A 101 -16.26 -15.95 -10.34
C ARG A 101 -15.08 -15.72 -9.41
N TRP A 102 -14.92 -16.61 -8.44
CA TRP A 102 -13.85 -16.46 -7.45
C TRP A 102 -13.21 -17.82 -7.20
N GLY A 103 -11.89 -17.89 -7.37
CA GLY A 103 -11.19 -19.15 -7.26
C GLY A 103 -11.08 -19.64 -5.83
N TYR A 104 -10.66 -20.90 -5.70
CA TYR A 104 -10.56 -21.54 -4.40
C TYR A 104 -9.25 -21.14 -3.71
N TRP A 105 -9.16 -21.48 -2.42
CA TRP A 105 -8.13 -20.90 -1.57
C TRP A 105 -6.72 -21.17 -2.08
N PRO A 106 -6.25 -22.41 -2.17
CA PRO A 106 -4.83 -22.64 -2.41
C PRO A 106 -4.29 -21.87 -3.60
N GLY A 107 -3.38 -20.93 -3.36
CA GLY A 107 -2.66 -20.29 -4.44
C GLY A 107 -3.22 -18.97 -4.92
N GLU A 108 -3.01 -18.68 -6.19
CA GLU A 108 -3.38 -17.42 -6.82
C GLU A 108 -4.87 -17.32 -7.14
N PRO A 109 -5.53 -18.41 -7.52
CA PRO A 109 -6.96 -18.29 -7.85
C PRO A 109 -7.78 -17.61 -6.75
N TRP A 110 -7.34 -17.71 -5.49
CA TRP A 110 -8.04 -17.03 -4.41
C TRP A 110 -7.71 -15.54 -4.38
N TRP A 111 -6.46 -15.18 -4.66
CA TRP A 111 -6.09 -13.77 -4.59
C TRP A 111 -6.70 -12.96 -5.72
N LYS A 112 -7.06 -13.60 -6.83
CA LYS A 112 -7.75 -12.93 -7.93
C LYS A 112 -9.24 -12.95 -7.60
N ALA A 113 -9.71 -11.92 -6.91
CA ALA A 113 -11.08 -11.84 -6.45
C ALA A 113 -11.96 -11.29 -7.56
N PHE A 114 -13.04 -12.00 -7.89
CA PHE A 114 -14.01 -11.56 -8.88
C PHE A 114 -13.28 -11.04 -10.13
N ASP A 115 -12.54 -11.92 -10.77
CA ASP A 115 -11.77 -11.54 -11.94
C ASP A 115 -12.56 -11.64 -13.24
N TYR A 116 -13.77 -12.19 -13.21
CA TYR A 116 -14.58 -12.31 -14.42
C TYR A 116 -16.05 -12.16 -14.03
N TRP A 117 -16.58 -10.96 -14.23
CA TRP A 117 -17.98 -10.68 -13.95
C TRP A 117 -18.84 -11.00 -15.16
N GLY A 118 -20.14 -10.71 -15.05
CA GLY A 118 -21.06 -10.80 -16.16
C GLY A 118 -21.67 -9.44 -16.44
N GLN A 119 -22.37 -9.36 -17.58
CA GLN A 119 -22.96 -8.09 -17.99
C GLN A 119 -24.01 -7.60 -17.01
N GLY A 120 -24.56 -8.48 -16.20
CA GLY A 120 -25.56 -8.08 -15.22
C GLY A 120 -26.96 -8.06 -15.80
N THR A 121 -27.92 -8.42 -14.98
CA THR A 121 -29.33 -8.47 -15.38
C THR A 121 -30.14 -7.55 -14.48
N LEU A 122 -31.03 -6.78 -15.10
CA LEU A 122 -31.82 -5.80 -14.36
C LEU A 122 -33.06 -6.47 -13.78
N VAL A 123 -33.35 -6.18 -12.50
CA VAL A 123 -34.55 -6.67 -11.83
C VAL A 123 -35.24 -5.47 -11.19
N THR A 124 -36.54 -5.34 -11.45
CA THR A 124 -37.35 -4.24 -10.93
C THR A 124 -38.51 -4.81 -10.13
N VAL A 125 -38.72 -4.25 -8.95
CA VAL A 125 -39.85 -4.61 -8.09
C VAL A 125 -40.74 -3.39 -7.95
N SER A 126 -42.01 -3.54 -8.34
CA SER A 126 -42.95 -2.43 -8.29
C SER A 126 -44.35 -2.97 -8.55
N SER A 127 -45.33 -2.40 -7.85
CA SER A 127 -46.72 -2.79 -8.04
C SER A 127 -47.35 -2.15 -9.26
N ALA A 128 -46.69 -1.16 -9.87
CA ALA A 128 -47.26 -0.49 -11.03
C ALA A 128 -47.34 -1.44 -12.22
N SER A 129 -47.93 -0.95 -13.30
CA SER A 129 -48.10 -1.71 -14.52
C SER A 129 -47.72 -0.85 -15.72
N THR A 130 -47.58 -1.50 -16.86
CA THR A 130 -47.16 -0.79 -18.07
C THR A 130 -48.16 0.31 -18.40
N LYS A 131 -47.63 1.47 -18.80
CA LYS A 131 -48.46 2.61 -19.13
C LYS A 131 -47.73 3.48 -20.14
N GLY A 132 -48.46 4.02 -21.11
CA GLY A 132 -47.88 4.85 -22.13
C GLY A 132 -47.45 6.20 -21.58
N PRO A 133 -46.45 6.82 -22.21
CA PRO A 133 -45.97 8.12 -21.72
C PRO A 133 -46.73 9.29 -22.31
N SER A 134 -47.22 10.19 -21.45
CA SER A 134 -47.82 11.41 -21.92
C SER A 134 -46.75 12.36 -22.43
N VAL A 135 -47.18 13.43 -23.10
CA VAL A 135 -46.27 14.42 -23.65
C VAL A 135 -46.82 15.81 -23.34
N PHE A 136 -45.94 16.71 -22.91
CA PHE A 136 -46.32 18.08 -22.63
C PHE A 136 -45.26 19.03 -23.16
N PRO A 137 -45.53 19.81 -24.19
CA PRO A 137 -44.54 20.78 -24.67
C PRO A 137 -44.25 21.86 -23.63
N LEU A 138 -43.02 22.36 -23.65
CA LEU A 138 -42.60 23.45 -22.77
C LEU A 138 -42.34 24.66 -23.67
N ALA A 139 -43.38 25.44 -23.89
CA ALA A 139 -43.26 26.57 -24.81
C ALA A 139 -42.20 27.54 -24.29
N PRO A 140 -41.40 28.15 -25.19
CA PRO A 140 -40.34 29.03 -24.72
C PRO A 140 -40.88 30.31 -24.10
N SER A 141 -39.99 31.22 -23.70
CA SER A 141 -40.44 32.47 -23.13
C SER A 141 -41.30 33.23 -24.13
N SER A 142 -41.98 34.26 -23.64
CA SER A 142 -42.85 35.07 -24.50
C SER A 142 -42.06 35.61 -25.70
N LYS A 143 -40.88 36.16 -25.43
CA LYS A 143 -39.99 36.62 -26.50
C LYS A 143 -38.57 36.57 -25.96
N SER A 144 -37.82 35.56 -26.37
CA SER A 144 -36.45 35.36 -25.90
C SER A 144 -35.50 36.27 -26.68
N THR A 145 -35.61 37.57 -26.39
CA THR A 145 -34.79 38.57 -27.06
C THR A 145 -33.40 38.69 -26.47
N SER A 146 -33.12 38.02 -25.35
CA SER A 146 -31.80 38.09 -24.76
C SER A 146 -30.74 37.60 -25.75
N GLY A 147 -29.61 38.29 -25.78
CA GLY A 147 -28.52 37.92 -26.66
C GLY A 147 -28.05 36.51 -26.42
N GLY A 148 -28.36 35.61 -27.34
CA GLY A 148 -28.01 34.21 -27.21
C GLY A 148 -29.09 33.34 -27.83
N THR A 149 -29.16 32.11 -27.35
CA THR A 149 -30.07 31.11 -27.87
C THR A 149 -31.20 30.86 -26.88
N ALA A 150 -32.36 30.49 -27.41
CA ALA A 150 -33.52 30.19 -26.59
C ALA A 150 -33.57 28.69 -26.29
N ALA A 151 -34.49 28.32 -25.40
CA ALA A 151 -34.63 26.94 -24.95
C ALA A 151 -36.02 26.43 -25.28
N LEU A 152 -36.10 25.13 -25.55
CA LEU A 152 -37.36 24.47 -25.87
C LEU A 152 -37.27 23.05 -25.34
N GLY A 153 -38.40 22.37 -25.24
CA GLY A 153 -38.37 21.00 -24.81
C GLY A 153 -39.76 20.44 -24.58
N CYS A 154 -39.77 19.24 -24.00
CA CYS A 154 -41.01 18.54 -23.71
C CYS A 154 -40.83 17.67 -22.47
N LEU A 155 -41.96 17.34 -21.85
CA LEU A 155 -42.02 16.47 -20.68
C LEU A 155 -42.72 15.17 -21.05
N VAL A 156 -42.18 14.05 -20.58
CA VAL A 156 -42.82 12.75 -20.69
C VAL A 156 -43.01 12.20 -19.28
N LYS A 157 -44.20 11.70 -18.99
CA LYS A 157 -44.55 11.27 -17.65
C LYS A 157 -45.44 10.04 -17.72
N ASP A 158 -45.53 9.34 -16.59
CA ASP A 158 -46.50 8.27 -16.39
C ASP A 158 -46.23 7.08 -17.34
N TYR A 159 -45.00 6.56 -17.29
CA TYR A 159 -44.65 5.34 -17.98
C TYR A 159 -43.86 4.45 -17.03
N PHE A 160 -44.32 3.21 -16.85
CA PHE A 160 -43.72 2.35 -15.84
C PHE A 160 -42.37 1.78 -16.30
N PRO A 161 -42.30 1.07 -17.42
CA PRO A 161 -41.00 0.55 -17.86
C PRO A 161 -40.06 1.69 -18.20
N GLU A 162 -38.85 1.62 -17.67
CA GLU A 162 -37.91 2.73 -17.80
C GLU A 162 -37.60 3.10 -19.24
N PRO A 163 -37.24 2.18 -20.14
CA PRO A 163 -36.74 2.60 -21.45
C PRO A 163 -37.76 3.43 -22.22
N VAL A 164 -37.26 4.47 -22.87
CA VAL A 164 -38.08 5.35 -23.69
C VAL A 164 -37.14 6.15 -24.58
N THR A 165 -37.56 6.36 -25.83
CA THR A 165 -36.73 7.03 -26.83
C THR A 165 -37.35 8.38 -27.19
N VAL A 166 -36.51 9.42 -27.23
CA VAL A 166 -36.93 10.77 -27.56
C VAL A 166 -36.06 11.27 -28.69
N SER A 167 -36.70 11.82 -29.73
CA SER A 167 -35.98 12.31 -30.91
C SER A 167 -36.55 13.65 -31.32
N TRP A 168 -35.72 14.45 -32.00
CA TRP A 168 -36.10 15.77 -32.45
C TRP A 168 -35.95 15.85 -33.96
N ASN A 169 -37.03 16.25 -34.64
CA ASN A 169 -37.02 16.38 -36.09
C ASN A 169 -36.59 15.08 -36.75
N SER A 170 -37.05 13.96 -36.20
CA SER A 170 -36.69 12.64 -36.70
C SER A 170 -35.18 12.44 -36.68
N GLY A 171 -34.53 12.92 -35.61
CA GLY A 171 -33.10 12.79 -35.46
C GLY A 171 -32.28 13.86 -36.13
N ALA A 172 -32.91 14.77 -36.88
CA ALA A 172 -32.16 15.82 -37.56
C ALA A 172 -31.50 16.75 -36.56
N LEU A 173 -32.21 17.11 -35.49
CA LEU A 173 -31.71 18.06 -34.50
C LEU A 173 -30.86 17.33 -33.47
N THR A 174 -29.58 17.69 -33.38
CA THR A 174 -28.70 17.08 -32.40
C THR A 174 -27.76 18.10 -31.76
N SER A 175 -27.98 19.40 -31.98
CA SER A 175 -27.13 20.45 -31.41
C SER A 175 -27.71 20.86 -30.06
N GLY A 176 -26.96 20.61 -29.00
CA GLY A 176 -27.42 20.99 -27.67
C GLY A 176 -28.68 20.28 -27.22
N VAL A 177 -28.78 18.98 -27.49
CA VAL A 177 -29.91 18.18 -27.03
C VAL A 177 -29.53 17.56 -25.69
N HIS A 178 -30.42 17.67 -24.72
CA HIS A 178 -30.19 17.11 -23.39
C HIS A 178 -31.45 16.37 -22.95
N THR A 179 -31.31 15.06 -22.73
CA THR A 179 -32.39 14.23 -22.23
C THR A 179 -31.97 13.71 -20.86
N PHE A 180 -32.53 14.30 -19.81
CA PHE A 180 -32.08 14.01 -18.46
C PHE A 180 -32.50 12.59 -18.05
N PRO A 181 -31.76 11.98 -17.12
CA PRO A 181 -32.13 10.64 -16.67
C PRO A 181 -33.53 10.61 -16.09
N ALA A 182 -34.23 9.50 -16.33
CA ALA A 182 -35.57 9.33 -15.76
C ALA A 182 -35.48 9.22 -14.25
N VAL A 183 -36.44 9.83 -13.56
CA VAL A 183 -36.52 9.81 -12.10
C VAL A 183 -37.86 9.23 -11.70
N LEU A 184 -37.83 8.24 -10.82
CA LEU A 184 -39.06 7.63 -10.34
C LEU A 184 -39.79 8.60 -9.41
N GLN A 185 -41.10 8.73 -9.61
CA GLN A 185 -41.93 9.60 -8.80
C GLN A 185 -42.58 8.82 -7.67
N SER A 186 -43.24 9.55 -6.77
CA SER A 186 -43.92 8.92 -5.64
C SER A 186 -45.08 8.04 -6.08
N SER A 187 -45.58 8.22 -7.30
CA SER A 187 -46.69 7.43 -7.81
C SER A 187 -46.26 6.09 -8.40
N GLY A 188 -44.96 5.83 -8.46
CA GLY A 188 -44.44 4.59 -9.01
C GLY A 188 -44.13 4.63 -10.50
N LEU A 189 -44.49 5.70 -11.19
CA LEU A 189 -44.21 5.85 -12.61
C LEU A 189 -43.05 6.81 -12.81
N TYR A 190 -42.31 6.60 -13.90
CA TYR A 190 -41.17 7.43 -14.24
C TYR A 190 -41.60 8.70 -14.95
N SER A 191 -40.64 9.62 -15.11
CA SER A 191 -40.89 10.87 -15.80
C SER A 191 -39.56 11.55 -16.08
N LEU A 192 -39.44 12.12 -17.28
CA LEU A 192 -38.24 12.86 -17.65
C LEU A 192 -38.61 14.02 -18.57
N SER A 193 -37.61 14.81 -18.90
CA SER A 193 -37.78 15.96 -19.77
C SER A 193 -36.63 16.01 -20.76
N SER A 194 -36.94 16.40 -22.00
CA SER A 194 -35.95 16.59 -23.04
C SER A 194 -35.93 18.06 -23.42
N VAL A 195 -34.73 18.61 -23.63
CA VAL A 195 -34.58 20.03 -23.91
C VAL A 195 -33.57 20.23 -25.03
N VAL A 196 -33.69 21.39 -25.68
CA VAL A 196 -32.85 21.75 -26.82
C VAL A 196 -32.65 23.25 -26.81
N THR A 197 -31.41 23.68 -27.07
CA THR A 197 -31.10 25.09 -27.20
C THR A 197 -31.02 25.42 -28.69
N VAL A 198 -31.77 26.42 -29.12
CA VAL A 198 -31.91 26.71 -30.55
C VAL A 198 -31.71 28.20 -30.77
N PRO A 199 -31.32 28.60 -31.99
CA PRO A 199 -31.10 30.02 -32.25
C PRO A 199 -32.35 30.84 -31.98
N SER A 200 -32.16 32.01 -31.40
CA SER A 200 -33.25 32.91 -31.10
C SER A 200 -33.59 33.85 -32.24
N SER A 201 -32.81 33.83 -33.32
CA SER A 201 -33.06 34.73 -34.44
C SER A 201 -34.43 34.48 -35.05
N SER A 202 -34.78 33.21 -35.24
CA SER A 202 -36.07 32.86 -35.84
C SER A 202 -36.51 31.51 -35.29
N LEU A 203 -37.78 31.42 -34.92
CA LEU A 203 -38.38 30.20 -34.41
C LEU A 203 -39.37 29.57 -35.36
N GLY A 204 -40.24 30.37 -35.98
CA GLY A 204 -41.20 29.81 -36.92
C GLY A 204 -40.55 29.24 -38.16
N THR A 205 -39.52 29.92 -38.66
CA THR A 205 -38.84 29.45 -39.88
C THR A 205 -38.14 28.12 -39.66
N GLN A 206 -37.87 27.73 -38.41
CA GLN A 206 -37.17 26.51 -38.09
C GLN A 206 -37.94 25.72 -37.03
N THR A 207 -39.24 25.54 -37.26
CA THR A 207 -40.10 24.88 -36.28
C THR A 207 -39.55 23.52 -35.90
N TYR A 208 -39.55 23.24 -34.60
CA TYR A 208 -39.02 22.00 -34.05
C TYR A 208 -40.16 21.16 -33.48
N ILE A 209 -39.98 19.84 -33.56
CA ILE A 209 -40.97 18.89 -33.08
C ILE A 209 -40.26 17.82 -32.25
N CYS A 210 -41.02 17.19 -31.36
CA CYS A 210 -40.52 16.13 -30.49
C CYS A 210 -41.31 14.86 -30.72
N ASN A 211 -40.61 13.75 -30.97
CA ASN A 211 -41.22 12.45 -31.19
C ASN A 211 -40.75 11.51 -30.09
N VAL A 212 -41.69 10.90 -29.38
CA VAL A 212 -41.37 10.01 -28.28
C VAL A 212 -41.96 8.64 -28.59
N ASN A 213 -41.12 7.61 -28.48
CA ASN A 213 -41.49 6.23 -28.75
C ASN A 213 -41.22 5.39 -27.51
N HIS A 214 -42.13 4.44 -27.25
CA HIS A 214 -42.11 3.62 -26.04
C HIS A 214 -42.40 2.19 -26.46
N LYS A 215 -41.34 1.39 -26.61
CA LYS A 215 -41.52 0.01 -27.05
C LYS A 215 -42.37 -0.82 -26.09
N PRO A 216 -42.17 -0.75 -24.76
CA PRO A 216 -42.94 -1.65 -23.89
C PRO A 216 -44.45 -1.54 -24.08
N SER A 217 -44.96 -0.33 -24.29
CA SER A 217 -46.37 -0.12 -24.57
C SER A 217 -46.66 0.15 -26.03
N ASN A 218 -45.65 0.11 -26.89
CA ASN A 218 -45.81 0.38 -28.32
C ASN A 218 -46.55 1.70 -28.54
N THR A 219 -46.08 2.73 -27.84
CA THR A 219 -46.72 4.04 -27.88
C THR A 219 -45.78 5.04 -28.55
N LYS A 220 -46.19 5.52 -29.73
CA LYS A 220 -45.44 6.52 -30.47
C LYS A 220 -46.31 7.76 -30.62
N VAL A 221 -45.77 8.92 -30.27
CA VAL A 221 -46.51 10.17 -30.38
C VAL A 221 -45.56 11.31 -30.72
N ASP A 222 -46.03 12.22 -31.57
CA ASP A 222 -45.27 13.38 -32.01
C ASP A 222 -46.03 14.65 -31.63
N LYS A 223 -45.28 15.65 -31.19
CA LYS A 223 -45.85 16.93 -30.80
C LYS A 223 -45.00 18.05 -31.37
N LYS A 224 -45.64 19.21 -31.55
CA LYS A 224 -44.98 20.40 -32.08
C LYS A 224 -45.19 21.56 -31.14
N VAL A 225 -44.14 22.33 -30.92
CA VAL A 225 -44.18 23.48 -30.03
C VAL A 225 -44.57 24.72 -30.82
N GLU A 226 -44.99 25.75 -30.10
CA GLU A 226 -45.39 27.03 -30.69
C GLU A 226 -44.73 28.16 -29.92
N PRO A 227 -44.55 29.32 -30.56
CA PRO A 227 -43.99 30.47 -29.85
C PRO A 227 -44.99 31.05 -28.85
N LYS A 228 -44.47 31.92 -27.99
CA LYS A 228 -45.30 32.60 -27.00
C LYS A 228 -45.09 34.11 -27.08
N ASP B 2 -18.96 -7.09 11.37
CA ASP B 2 -18.75 -7.06 9.90
C ASP B 2 -17.66 -6.06 9.53
N ILE B 3 -16.83 -6.42 8.56
CA ILE B 3 -15.74 -5.55 8.14
C ILE B 3 -16.30 -4.48 7.21
N GLN B 4 -16.06 -3.22 7.54
CA GLN B 4 -16.60 -2.09 6.79
C GLN B 4 -15.46 -1.32 6.15
N MET B 5 -15.58 -1.05 4.86
CA MET B 5 -14.57 -0.32 4.10
C MET B 5 -15.14 1.04 3.72
N THR B 6 -14.39 2.10 4.04
CA THR B 6 -14.81 3.46 3.79
C THR B 6 -13.79 4.16 2.90
N GLN B 7 -14.27 4.79 1.83
CA GLN B 7 -13.43 5.59 0.94
C GLN B 7 -13.64 7.05 1.24
N SER B 8 -12.59 7.75 1.64
CA SER B 8 -12.70 9.17 1.94
C SER B 8 -13.10 10.00 0.73
N PRO B 9 -12.52 9.82 -0.47
CA PRO B 9 -12.87 10.68 -1.60
C PRO B 9 -14.19 10.26 -2.22
N SER B 10 -15.22 11.07 -2.03
CA SER B 10 -16.52 10.77 -2.63
C SER B 10 -16.49 10.98 -4.14
N SER B 11 -15.79 12.01 -4.60
CA SER B 11 -15.70 12.30 -6.02
C SER B 11 -14.51 13.22 -6.25
N LEU B 12 -13.59 12.82 -7.12
CA LEU B 12 -12.39 13.58 -7.41
C LEU B 12 -12.49 14.18 -8.81
N SER B 13 -12.20 15.48 -8.91
CA SER B 13 -12.12 16.18 -10.18
C SER B 13 -10.66 16.26 -10.59
N ALA B 14 -10.37 15.90 -11.83
CA ALA B 14 -9.00 15.87 -12.31
C ALA B 14 -8.99 16.15 -13.81
N SER B 15 -7.82 16.55 -14.30
CA SER B 15 -7.60 16.81 -15.71
C SER B 15 -6.58 15.83 -16.26
N VAL B 16 -6.57 15.70 -17.59
CA VAL B 16 -5.69 14.74 -18.24
C VAL B 16 -4.25 15.00 -17.83
N GLY B 17 -3.53 13.92 -17.50
CA GLY B 17 -2.15 14.02 -17.10
C GLY B 17 -1.92 14.30 -15.64
N ASP B 18 -2.98 14.36 -14.83
CA ASP B 18 -2.86 14.69 -13.42
C ASP B 18 -2.86 13.41 -12.60
N ARG B 19 -1.83 13.25 -11.77
CA ARG B 19 -1.78 12.11 -10.87
C ARG B 19 -2.87 12.23 -9.81
N VAL B 20 -3.56 11.13 -9.55
CA VAL B 20 -4.68 11.11 -8.60
C VAL B 20 -4.51 9.92 -7.66
N THR B 21 -5.10 10.05 -6.47
CA THR B 21 -5.02 9.02 -5.44
C THR B 21 -6.39 8.83 -4.81
N ILE B 22 -6.72 7.59 -4.48
CA ILE B 22 -7.97 7.22 -3.83
C ILE B 22 -7.62 6.36 -2.62
N THR B 23 -8.20 6.71 -1.47
CA THR B 23 -7.85 6.08 -0.19
C THR B 23 -9.05 5.34 0.36
N CYS B 24 -8.78 4.21 1.03
CA CYS B 24 -9.79 3.39 1.67
C CYS B 24 -9.26 2.88 2.99
N ARG B 25 -10.17 2.71 3.95
CA ARG B 25 -9.84 2.24 5.29
C ARG B 25 -10.78 1.12 5.70
N ALA B 26 -10.23 0.08 6.31
CA ALA B 26 -10.97 -1.09 6.72
C ALA B 26 -11.18 -1.08 8.24
N SER B 27 -12.33 -1.60 8.67
CA SER B 27 -12.62 -1.64 10.10
C SER B 27 -11.63 -2.51 10.84
N GLN B 28 -11.38 -3.72 10.35
CA GLN B 28 -10.41 -4.64 10.91
C GLN B 28 -9.17 -4.67 10.03
N SER B 29 -8.26 -5.58 10.35
CA SER B 29 -7.03 -5.75 9.58
C SER B 29 -7.22 -6.92 8.63
N VAL B 30 -7.42 -6.63 7.35
CA VAL B 30 -7.46 -7.63 6.29
C VAL B 30 -6.07 -7.71 5.69
N SER B 31 -5.51 -8.90 5.63
CA SER B 31 -4.10 -9.09 5.27
C SER B 31 -3.94 -8.91 3.77
N SER B 32 -3.82 -7.65 3.36
CA SER B 32 -3.61 -7.29 1.96
C SER B 32 -4.68 -7.89 1.06
N ALA B 33 -5.81 -8.29 1.62
CA ALA B 33 -6.90 -8.87 0.85
C ALA B 33 -7.87 -7.78 0.40
N VAL B 34 -7.34 -6.85 -0.38
CA VAL B 34 -8.11 -5.72 -0.90
C VAL B 34 -7.89 -5.64 -2.40
N ALA B 35 -8.98 -5.48 -3.14
CA ALA B 35 -8.94 -5.38 -4.59
C ALA B 35 -9.56 -4.05 -5.02
N TRP B 36 -9.15 -3.58 -6.18
CA TRP B 36 -9.62 -2.30 -6.73
C TRP B 36 -10.22 -2.56 -8.10
N TYR B 37 -11.47 -2.14 -8.29
CA TYR B 37 -12.22 -2.33 -9.52
C TYR B 37 -12.56 -0.98 -10.13
N GLN B 38 -12.71 -0.97 -11.44
CA GLN B 38 -13.14 0.21 -12.19
C GLN B 38 -14.41 -0.12 -12.94
N GLN B 39 -15.45 0.68 -12.72
CA GLN B 39 -16.72 0.52 -13.41
C GLN B 39 -17.04 1.77 -14.20
N LYS B 40 -17.45 1.59 -15.45
CA LYS B 40 -17.91 2.66 -16.30
C LYS B 40 -19.42 2.58 -16.48
N PRO B 41 -20.10 3.69 -16.76
CA PRO B 41 -21.56 3.65 -16.81
C PRO B 41 -22.07 2.59 -17.77
N GLY B 42 -23.08 1.85 -17.33
CA GLY B 42 -23.66 0.80 -18.14
C GLY B 42 -22.70 -0.33 -18.47
N LYS B 43 -21.82 -0.67 -17.54
CA LYS B 43 -20.87 -1.74 -17.75
C LYS B 43 -20.56 -2.40 -16.42
N ALA B 44 -20.20 -3.68 -16.47
CA ALA B 44 -19.83 -4.40 -15.26
C ALA B 44 -18.44 -3.95 -14.79
N PRO B 45 -18.15 -4.05 -13.50
CA PRO B 45 -16.83 -3.66 -13.01
C PRO B 45 -15.73 -4.43 -13.72
N LYS B 46 -14.50 -3.96 -13.52
CA LYS B 46 -13.33 -4.55 -14.15
C LYS B 46 -12.21 -4.61 -13.12
N LEU B 47 -11.72 -5.81 -12.83
CA LEU B 47 -10.68 -5.96 -11.81
C LEU B 47 -9.40 -5.26 -12.26
N LEU B 48 -9.04 -4.18 -11.58
CA LEU B 48 -7.79 -3.48 -11.84
C LEU B 48 -6.65 -4.05 -11.00
N ILE B 49 -6.80 -4.03 -9.68
CA ILE B 49 -5.78 -4.52 -8.76
C ILE B 49 -6.36 -5.71 -7.99
N TYR B 50 -5.66 -6.85 -8.05
CA TYR B 50 -6.15 -8.08 -7.45
C TYR B 50 -5.49 -8.41 -6.12
N SER B 51 -4.77 -7.46 -5.53
CA SER B 51 -4.31 -7.56 -4.16
C SER B 51 -4.10 -6.14 -3.65
N ALA B 52 -3.47 -6.01 -2.47
CA ALA B 52 -3.19 -4.68 -1.97
C ALA B 52 -2.45 -3.86 -3.01
N SER B 53 -1.51 -4.47 -3.72
CA SER B 53 -0.70 -3.77 -4.72
C SER B 53 -0.53 -4.50 -6.03
N SER B 54 -0.68 -5.82 -6.09
CA SER B 54 -0.35 -6.55 -7.30
C SER B 54 -1.27 -6.15 -8.45
N LEU B 55 -0.68 -5.80 -9.58
CA LEU B 55 -1.45 -5.42 -10.75
C LEU B 55 -2.03 -6.63 -11.45
N TYR B 56 -3.17 -6.44 -12.10
CA TYR B 56 -3.83 -7.51 -12.83
C TYR B 56 -3.40 -7.52 -14.29
N SER B 57 -3.54 -8.68 -14.92
CA SER B 57 -3.17 -8.82 -16.32
C SER B 57 -4.06 -7.94 -17.20
N GLY B 58 -3.47 -7.38 -18.25
CA GLY B 58 -4.21 -6.54 -19.17
C GLY B 58 -4.42 -5.12 -18.71
N VAL B 59 -3.96 -4.76 -17.52
CA VAL B 59 -4.10 -3.42 -16.97
C VAL B 59 -2.78 -2.67 -17.20
N PRO B 60 -2.81 -1.44 -17.72
CA PRO B 60 -1.56 -0.70 -17.86
C PRO B 60 -0.92 -0.42 -16.51
N SER B 61 0.40 -0.25 -16.53
CA SER B 61 1.14 0.08 -15.31
C SER B 61 0.75 1.46 -14.79
N ARG B 62 -0.14 2.15 -15.53
CA ARG B 62 -0.64 3.44 -15.09
C ARG B 62 -1.17 3.37 -13.66
N PHE B 63 -1.91 2.31 -13.33
CA PHE B 63 -2.48 2.14 -12.00
C PHE B 63 -1.50 1.44 -11.07
N SER B 64 -1.58 1.77 -9.79
CA SER B 64 -0.78 1.10 -8.78
C SER B 64 -1.53 1.11 -7.47
N GLY B 65 -1.16 0.19 -6.58
CA GLY B 65 -1.79 0.08 -5.29
C GLY B 65 -0.75 -0.06 -4.19
N SER B 66 -1.12 0.41 -3.00
CA SER B 66 -0.21 0.35 -1.86
C SER B 66 -1.03 0.16 -0.59
N ARG B 67 -0.39 -0.45 0.41
CA ARG B 67 -1.01 -0.75 1.70
C ARG B 67 -0.12 -0.24 2.81
N SER B 68 -0.74 0.27 3.87
CA SER B 68 -0.04 0.70 5.08
C SER B 68 -0.89 0.25 6.28
N GLY B 69 -0.65 -0.97 6.74
CA GLY B 69 -1.27 -1.48 7.94
C GLY B 69 -2.75 -1.79 7.75
N THR B 70 -3.55 -0.73 7.65
CA THR B 70 -4.96 -0.84 7.28
C THR B 70 -5.36 0.15 6.19
N ASP B 71 -4.57 1.19 5.94
CA ASP B 71 -4.85 2.09 4.83
C ASP B 71 -4.54 1.40 3.51
N PHE B 72 -5.38 1.64 2.52
CA PHE B 72 -5.13 1.15 1.16
C PHE B 72 -5.30 2.32 0.20
N THR B 73 -4.43 2.39 -0.80
CA THR B 73 -4.48 3.51 -1.73
C THR B 73 -4.25 3.04 -3.15
N LEU B 74 -5.07 3.56 -4.06
CA LEU B 74 -4.91 3.35 -5.49
C LEU B 74 -4.46 4.66 -6.12
N THR B 75 -3.34 4.62 -6.83
CA THR B 75 -2.75 5.80 -7.43
C THR B 75 -2.70 5.63 -8.95
N ILE B 76 -3.14 6.66 -9.66
CA ILE B 76 -3.01 6.73 -11.12
C ILE B 76 -2.00 7.83 -11.42
N SER B 77 -0.93 7.48 -12.14
CA SER B 77 0.12 8.45 -12.43
C SER B 77 -0.34 9.44 -13.50
N SER B 78 -0.62 8.95 -14.70
CA SER B 78 -1.06 9.78 -15.81
C SER B 78 -2.52 9.44 -16.11
N LEU B 79 -3.39 10.44 -16.02
CA LEU B 79 -4.81 10.25 -16.25
C LEU B 79 -5.11 10.43 -17.73
N GLN B 80 -5.80 9.45 -18.30
CA GLN B 80 -6.17 9.44 -19.71
C GLN B 80 -7.65 9.70 -19.88
N PRO B 81 -8.10 10.00 -21.10
CA PRO B 81 -9.54 10.18 -21.32
C PRO B 81 -10.36 8.94 -20.96
N GLU B 82 -9.81 7.75 -21.15
CA GLU B 82 -10.52 6.52 -20.80
C GLU B 82 -10.55 6.27 -19.31
N ASP B 83 -9.65 6.90 -18.54
CA ASP B 83 -9.57 6.63 -17.11
C ASP B 83 -10.85 7.05 -16.39
N PHE B 84 -11.50 8.11 -16.85
CA PHE B 84 -12.66 8.65 -16.14
C PHE B 84 -13.74 7.58 -15.95
N ALA B 85 -13.97 7.17 -14.71
CA ALA B 85 -14.94 6.14 -14.38
C ALA B 85 -14.94 5.96 -12.86
N THR B 86 -15.98 5.30 -12.37
CA THR B 86 -16.09 5.04 -10.93
C THR B 86 -15.11 3.95 -10.51
N TYR B 87 -14.69 4.01 -9.26
CA TYR B 87 -13.71 3.08 -8.71
C TYR B 87 -14.19 2.55 -7.37
N TYR B 88 -14.08 1.23 -7.18
CA TYR B 88 -14.59 0.57 -5.99
C TYR B 88 -13.47 -0.21 -5.32
N CYS B 89 -13.51 -0.25 -3.99
CA CYS B 89 -12.54 -0.97 -3.18
C CYS B 89 -13.26 -2.11 -2.49
N GLN B 90 -12.79 -3.33 -2.71
CA GLN B 90 -13.39 -4.52 -2.14
C GLN B 90 -12.44 -5.16 -1.15
N GLN B 91 -12.99 -5.65 -0.05
CA GLN B 91 -12.24 -6.44 0.93
C GLN B 91 -12.77 -7.86 0.86
N TYR B 92 -11.89 -8.81 0.55
CA TYR B 92 -12.34 -10.16 0.27
C TYR B 92 -11.63 -11.17 1.17
N LEU B 93 -11.63 -10.89 2.47
CA LEU B 93 -10.94 -11.76 3.42
C LEU B 93 -11.51 -13.17 3.41
N TYR B 94 -12.79 -13.32 3.12
CA TYR B 94 -13.41 -14.64 3.08
C TYR B 94 -14.63 -14.58 2.18
N TYR B 95 -15.09 -15.76 1.76
CA TYR B 95 -16.19 -15.83 0.80
C TYR B 95 -17.44 -15.13 1.33
N SER B 96 -17.75 -15.30 2.61
CA SER B 96 -18.96 -14.75 3.19
C SER B 96 -18.76 -13.36 3.80
N LEU B 97 -17.56 -12.79 3.71
CA LEU B 97 -17.26 -11.51 4.33
C LEU B 97 -16.90 -10.45 3.29
N VAL B 98 -17.40 -10.60 2.06
CA VAL B 98 -17.11 -9.62 1.02
C VAL B 98 -17.85 -8.33 1.31
N THR B 99 -17.18 -7.20 1.12
CA THR B 99 -17.77 -5.89 1.41
C THR B 99 -17.09 -4.86 0.54
N PHE B 100 -17.87 -4.15 -0.28
CA PHE B 100 -17.34 -3.14 -1.18
C PHE B 100 -17.32 -1.77 -0.51
N GLY B 101 -16.68 -0.81 -1.18
CA GLY B 101 -16.63 0.55 -0.69
C GLY B 101 -17.78 1.39 -1.23
N GLN B 102 -17.72 2.69 -0.91
CA GLN B 102 -18.77 3.60 -1.34
C GLN B 102 -18.65 3.92 -2.83
N GLY B 103 -17.42 4.16 -3.30
CA GLY B 103 -17.21 4.46 -4.73
C GLY B 103 -16.70 5.87 -4.91
N THR B 104 -15.67 6.00 -5.74
CA THR B 104 -15.05 7.28 -6.07
C THR B 104 -15.22 7.53 -7.56
N LYS B 105 -15.82 8.65 -7.90
CA LYS B 105 -16.09 9.00 -9.29
C LYS B 105 -15.06 10.02 -9.77
N VAL B 106 -14.37 9.70 -10.86
CA VAL B 106 -13.37 10.57 -11.45
C VAL B 106 -13.95 11.17 -12.73
N GLU B 107 -13.83 12.49 -12.87
CA GLU B 107 -14.43 13.19 -14.00
C GLU B 107 -13.50 14.31 -14.44
N ILE B 108 -13.71 14.78 -15.66
CA ILE B 108 -12.83 15.78 -16.26
C ILE B 108 -12.95 17.09 -15.48
N LYS B 109 -11.89 17.90 -15.56
CA LYS B 109 -11.85 19.20 -14.90
C LYS B 109 -12.07 20.31 -15.91
N ARG B 110 -12.57 21.44 -15.42
CA ARG B 110 -12.86 22.59 -16.27
C ARG B 110 -13.09 23.80 -15.37
N THR B 111 -13.11 24.98 -15.98
CA THR B 111 -13.39 26.20 -15.26
C THR B 111 -14.89 26.43 -15.12
N VAL B 112 -15.26 27.35 -14.22
CA VAL B 112 -16.66 27.66 -14.03
C VAL B 112 -17.25 28.20 -15.34
N ALA B 113 -18.58 28.16 -15.43
CA ALA B 113 -19.26 28.57 -16.66
C ALA B 113 -20.48 29.44 -16.47
N ALA B 114 -20.98 29.65 -15.24
CA ALA B 114 -22.11 30.54 -15.03
C ALA B 114 -23.32 30.07 -15.85
N PRO B 115 -23.98 28.99 -15.43
CA PRO B 115 -25.07 28.43 -16.25
C PRO B 115 -26.19 29.43 -16.47
N SER B 116 -26.80 29.34 -17.66
CA SER B 116 -27.98 30.12 -17.98
C SER B 116 -29.22 29.41 -17.45
N VAL B 117 -30.04 30.13 -16.69
CA VAL B 117 -31.21 29.56 -16.04
C VAL B 117 -32.44 29.88 -16.87
N PHE B 118 -33.21 28.85 -17.21
CA PHE B 118 -34.47 28.99 -17.92
C PHE B 118 -35.59 28.42 -17.10
N ILE B 119 -36.81 28.95 -17.29
CA ILE B 119 -37.99 28.48 -16.58
C ILE B 119 -39.09 28.19 -17.59
N PHE B 120 -39.70 27.02 -17.49
CA PHE B 120 -40.81 26.62 -18.33
C PHE B 120 -42.06 26.52 -17.48
N PRO B 121 -43.09 27.33 -17.73
CA PRO B 121 -44.34 27.21 -17.00
C PRO B 121 -45.11 25.97 -17.43
N PRO B 122 -46.03 25.47 -16.62
CA PRO B 122 -46.82 24.31 -17.03
C PRO B 122 -47.61 24.58 -18.30
N SER B 123 -47.71 23.57 -19.14
CA SER B 123 -48.50 23.68 -20.35
C SER B 123 -49.99 23.63 -20.02
N ASP B 124 -50.79 24.27 -20.89
CA ASP B 124 -52.23 24.28 -20.66
C ASP B 124 -52.81 22.86 -20.73
N SER B 125 -52.15 21.96 -21.44
CA SER B 125 -52.61 20.57 -21.49
C SER B 125 -52.57 19.94 -20.10
N GLN B 126 -51.51 20.22 -19.33
CA GLN B 126 -51.44 19.70 -17.97
C GLN B 126 -52.60 20.22 -17.13
N LEU B 127 -52.92 21.51 -17.26
CA LEU B 127 -54.06 22.05 -16.53
C LEU B 127 -55.35 21.37 -16.95
N LYS B 128 -55.52 21.11 -18.25
CA LYS B 128 -56.70 20.39 -18.72
C LYS B 128 -56.78 19.01 -18.10
N SER B 129 -55.65 18.31 -18.00
CA SER B 129 -55.62 16.96 -17.44
C SER B 129 -55.63 16.95 -15.92
N GLY B 130 -55.44 18.10 -15.27
CA GLY B 130 -55.49 18.16 -13.82
C GLY B 130 -54.14 17.96 -13.16
N THR B 131 -53.15 18.75 -13.56
CA THR B 131 -51.81 18.68 -12.97
C THR B 131 -51.01 19.88 -13.45
N ALA B 132 -49.91 20.16 -12.75
CA ALA B 132 -49.04 21.27 -13.09
C ALA B 132 -47.59 20.86 -12.82
N SER B 133 -46.69 21.30 -13.70
CA SER B 133 -45.27 20.97 -13.56
C SER B 133 -44.46 22.13 -14.12
N VAL B 134 -44.02 23.01 -13.23
CA VAL B 134 -43.12 24.11 -13.60
C VAL B 134 -41.70 23.61 -13.52
N VAL B 135 -40.92 23.86 -14.57
CA VAL B 135 -39.58 23.28 -14.70
C VAL B 135 -38.55 24.40 -14.74
N CYS B 136 -37.37 24.12 -14.18
CA CYS B 136 -36.23 25.01 -14.24
C CYS B 136 -35.05 24.25 -14.82
N LEU B 137 -34.25 24.94 -15.63
CA LEU B 137 -33.18 24.34 -16.41
C LEU B 137 -31.91 25.15 -16.20
N LEU B 138 -30.84 24.46 -15.81
CA LEU B 138 -29.51 25.06 -15.64
C LEU B 138 -28.53 24.24 -16.47
N ASN B 139 -28.08 24.80 -17.59
CA ASN B 139 -27.25 24.04 -18.52
C ASN B 139 -25.88 24.69 -18.68
N ASN B 140 -24.90 23.86 -19.02
CA ASN B 140 -23.56 24.32 -19.39
C ASN B 140 -22.83 24.94 -18.21
N PHE B 141 -22.79 24.21 -17.10
CA PHE B 141 -21.95 24.56 -15.96
C PHE B 141 -21.16 23.33 -15.54
N TYR B 142 -19.83 23.48 -15.43
CA TYR B 142 -19.00 22.33 -15.09
C TYR B 142 -19.12 21.95 -13.62
N PRO B 143 -18.79 22.82 -12.66
CA PRO B 143 -18.77 22.38 -11.27
C PRO B 143 -20.15 21.97 -10.80
N ARG B 144 -20.18 21.04 -9.85
CA ARG B 144 -21.43 20.57 -9.27
C ARG B 144 -21.78 21.48 -8.09
N GLU B 145 -22.74 21.07 -7.26
CA GLU B 145 -23.21 21.84 -6.12
C GLU B 145 -24.07 23.03 -6.56
N ALA B 146 -24.78 22.87 -7.68
CA ALA B 146 -25.66 23.92 -8.19
C ALA B 146 -26.98 23.84 -7.43
N LYS B 147 -26.98 24.40 -6.22
CA LYS B 147 -28.18 24.42 -5.41
C LYS B 147 -29.26 25.23 -6.10
N VAL B 148 -30.47 24.68 -6.15
CA VAL B 148 -31.63 25.33 -6.76
C VAL B 148 -32.76 25.31 -5.76
N GLN B 149 -33.40 26.47 -5.56
CA GLN B 149 -34.49 26.60 -4.60
C GLN B 149 -35.71 27.21 -5.29
N TRP B 150 -36.86 26.59 -5.10
CA TRP B 150 -38.11 27.06 -5.66
C TRP B 150 -38.75 28.10 -4.74
N LYS B 151 -39.63 28.91 -5.30
CA LYS B 151 -40.39 29.89 -4.53
C LYS B 151 -41.77 30.03 -5.15
N VAL B 152 -42.80 29.73 -4.38
CA VAL B 152 -44.18 29.90 -4.79
C VAL B 152 -44.76 31.08 -4.02
N ASP B 153 -45.18 32.12 -4.75
CA ASP B 153 -45.66 33.35 -4.14
C ASP B 153 -44.61 33.93 -3.19
N ASN B 154 -43.34 33.85 -3.60
CA ASN B 154 -42.22 34.35 -2.81
C ASN B 154 -42.14 33.62 -1.46
N ALA B 155 -42.31 32.30 -1.50
CA ALA B 155 -42.24 31.47 -0.30
C ALA B 155 -41.49 30.18 -0.65
N LEU B 156 -40.45 29.88 0.12
CA LEU B 156 -39.65 28.69 -0.15
C LEU B 156 -40.53 27.45 -0.09
N GLN B 157 -40.36 26.57 -1.08
CA GLN B 157 -41.12 25.34 -1.18
C GLN B 157 -40.14 24.19 -1.32
N SER B 158 -40.21 23.22 -0.42
CA SER B 158 -39.32 22.06 -0.43
C SER B 158 -40.12 20.79 -0.20
N GLY B 159 -39.52 19.67 -0.61
CA GLY B 159 -40.12 18.37 -0.44
C GLY B 159 -40.94 17.88 -1.62
N ASN B 160 -41.18 18.72 -2.63
CA ASN B 160 -41.95 18.33 -3.80
C ASN B 160 -41.23 18.60 -5.11
N SER B 161 -40.00 19.09 -5.07
CA SER B 161 -39.24 19.39 -6.28
C SER B 161 -38.26 18.25 -6.54
N GLN B 162 -38.29 17.71 -7.75
CA GLN B 162 -37.44 16.59 -8.14
C GLN B 162 -36.44 17.08 -9.18
N GLU B 163 -35.16 16.83 -8.93
CA GLU B 163 -34.08 17.33 -9.77
C GLU B 163 -33.30 16.17 -10.36
N SER B 164 -33.00 16.25 -11.65
CA SER B 164 -32.19 15.27 -12.35
C SER B 164 -31.07 15.99 -13.09
N VAL B 165 -29.85 15.50 -12.95
CA VAL B 165 -28.68 16.09 -13.59
C VAL B 165 -28.15 15.11 -14.62
N THR B 166 -27.99 15.59 -15.85
CA THR B 166 -27.49 14.74 -16.91
C THR B 166 -26.00 14.46 -16.74
N GLU B 167 -25.55 13.39 -17.37
CA GLU B 167 -24.14 13.03 -17.28
C GLU B 167 -23.26 14.09 -17.91
N GLN B 168 -22.05 14.21 -17.41
CA GLN B 168 -21.09 15.18 -17.93
C GLN B 168 -20.68 14.78 -19.34
N ASP B 169 -21.18 15.51 -20.34
CA ASP B 169 -20.88 15.17 -21.73
C ASP B 169 -19.39 15.36 -22.01
N SER B 170 -18.88 14.54 -22.93
CA SER B 170 -17.47 14.58 -23.30
C SER B 170 -17.17 15.61 -24.38
N LYS B 171 -18.19 16.16 -25.04
CA LYS B 171 -17.94 17.15 -26.08
C LYS B 171 -17.59 18.51 -25.50
N ASP B 172 -18.10 18.84 -24.31
CA ASP B 172 -17.83 20.13 -23.67
C ASP B 172 -17.42 19.98 -22.22
N SER B 173 -17.67 18.82 -21.59
CA SER B 173 -17.36 18.59 -20.17
C SER B 173 -18.12 19.57 -19.28
N THR B 174 -19.45 19.44 -19.31
CA THR B 174 -20.33 20.29 -18.53
C THR B 174 -21.56 19.49 -18.14
N TYR B 175 -22.36 20.05 -17.25
CA TYR B 175 -23.57 19.42 -16.73
C TYR B 175 -24.79 20.22 -17.13
N SER B 176 -25.95 19.57 -17.03
CA SER B 176 -27.23 20.22 -17.32
C SER B 176 -28.27 19.63 -16.38
N LEU B 177 -28.68 20.41 -15.39
CA LEU B 177 -29.63 19.99 -14.37
C LEU B 177 -31.02 20.53 -14.68
N SER B 178 -32.04 19.72 -14.41
CA SER B 178 -33.42 20.16 -14.57
C SER B 178 -34.22 19.75 -13.35
N SER B 179 -34.95 20.71 -12.79
CA SER B 179 -35.74 20.48 -11.59
C SER B 179 -37.20 20.82 -11.87
N THR B 180 -38.09 19.88 -11.57
CA THR B 180 -39.52 20.04 -11.79
C THR B 180 -40.24 20.09 -10.46
N LEU B 181 -41.14 21.07 -10.31
CA LEU B 181 -41.91 21.25 -9.08
C LEU B 181 -43.35 20.83 -9.37
N THR B 182 -43.62 19.55 -9.22
CA THR B 182 -44.96 19.03 -9.47
C THR B 182 -45.94 19.61 -8.47
N LEU B 183 -47.13 19.97 -8.95
CA LEU B 183 -48.18 20.53 -8.12
C LEU B 183 -49.53 20.10 -8.65
N SER B 184 -50.50 19.98 -7.75
CA SER B 184 -51.86 19.71 -8.16
C SER B 184 -52.48 20.94 -8.81
N LYS B 185 -53.52 20.71 -9.62
CA LYS B 185 -54.17 21.83 -10.31
C LYS B 185 -54.73 22.82 -9.30
N ALA B 186 -55.44 22.33 -8.29
CA ALA B 186 -56.00 23.22 -7.27
C ALA B 186 -54.88 23.93 -6.50
N ASP B 187 -53.84 23.20 -6.14
CA ASP B 187 -52.70 23.80 -5.47
C ASP B 187 -51.96 24.76 -6.39
N TYR B 188 -52.17 24.66 -7.70
CA TYR B 188 -51.49 25.52 -8.66
C TYR B 188 -52.25 26.82 -8.88
N GLU B 189 -53.57 26.76 -9.08
CA GLU B 189 -54.33 27.97 -9.32
C GLU B 189 -54.42 28.87 -8.10
N LYS B 190 -54.31 28.30 -6.89
CA LYS B 190 -54.39 29.11 -5.68
C LYS B 190 -53.22 30.06 -5.53
N HIS B 191 -52.14 29.88 -6.29
CA HIS B 191 -50.97 30.74 -6.24
C HIS B 191 -50.87 31.54 -7.53
N LYS B 192 -50.18 32.67 -7.46
CA LYS B 192 -50.07 33.61 -8.57
C LYS B 192 -48.70 33.58 -9.24
N VAL B 193 -47.62 33.75 -8.48
CA VAL B 193 -46.29 33.89 -9.04
C VAL B 193 -45.47 32.65 -8.70
N TYR B 194 -44.44 32.41 -9.50
CA TYR B 194 -43.48 31.33 -9.23
C TYR B 194 -42.09 31.83 -9.58
N ALA B 195 -41.08 31.20 -9.00
CA ALA B 195 -39.72 31.60 -9.28
C ALA B 195 -38.75 30.49 -8.86
N CYS B 196 -37.54 30.56 -9.42
CA CYS B 196 -36.46 29.67 -9.07
C CYS B 196 -35.20 30.49 -8.82
N GLU B 197 -34.37 29.99 -7.91
CA GLU B 197 -33.15 30.67 -7.53
C GLU B 197 -31.98 29.70 -7.57
N VAL B 198 -30.85 30.16 -8.12
CA VAL B 198 -29.65 29.35 -8.28
C VAL B 198 -28.50 30.07 -7.59
N THR B 199 -27.76 29.35 -6.75
CA THR B 199 -26.63 29.87 -6.02
C THR B 199 -25.34 29.17 -6.42
N HIS B 200 -25.15 28.97 -7.72
CA HIS B 200 -24.00 28.24 -8.21
C HIS B 200 -22.72 29.06 -8.08
N GLN B 201 -21.59 28.35 -7.98
CA GLN B 201 -20.31 29.03 -7.83
C GLN B 201 -19.98 29.90 -9.04
N GLY B 202 -20.28 29.42 -10.24
CA GLY B 202 -19.91 30.16 -11.44
C GLY B 202 -20.49 31.57 -11.45
N LEU B 203 -21.73 31.71 -11.00
CA LEU B 203 -22.33 33.04 -10.91
C LEU B 203 -21.65 33.85 -9.81
N SER B 204 -21.42 35.14 -10.10
CA SER B 204 -20.85 36.01 -9.08
C SER B 204 -21.80 36.16 -7.89
N SER B 205 -23.09 36.29 -8.16
CA SER B 205 -24.13 36.39 -7.15
C SER B 205 -25.28 35.48 -7.53
N PRO B 206 -26.12 35.11 -6.57
CA PRO B 206 -27.25 34.23 -6.89
C PRO B 206 -28.14 34.85 -7.96
N VAL B 207 -28.67 34.00 -8.84
CA VAL B 207 -29.55 34.42 -9.91
C VAL B 207 -30.95 33.92 -9.60
N THR B 208 -31.95 34.64 -10.13
CA THR B 208 -33.35 34.30 -9.89
C THR B 208 -34.14 34.52 -11.18
N LYS B 209 -34.97 33.54 -11.53
CA LYS B 209 -35.89 33.63 -12.65
C LYS B 209 -37.30 33.59 -12.13
N SER B 210 -38.19 34.36 -12.75
CA SER B 210 -39.55 34.55 -12.27
C SER B 210 -40.55 34.27 -13.39
N PHE B 211 -41.77 33.95 -12.98
CA PHE B 211 -42.85 33.66 -13.91
C PHE B 211 -44.17 34.08 -13.26
N ASN B 212 -44.99 34.80 -14.01
CA ASN B 212 -46.26 35.32 -13.53
C ASN B 212 -47.40 34.54 -14.18
N ARG B 213 -48.36 34.11 -13.36
CA ARG B 213 -49.50 33.35 -13.86
C ARG B 213 -50.67 34.27 -14.16
N LEU C 35 64.68 10.60 37.99
CA LEU C 35 64.70 9.48 37.06
C LEU C 35 63.28 9.03 36.75
N LEU C 36 62.56 9.84 35.97
CA LEU C 36 61.18 9.50 35.61
C LEU C 36 61.10 8.22 34.80
N ALA C 37 62.19 7.83 34.13
CA ALA C 37 62.17 6.58 33.37
C ALA C 37 61.77 5.40 34.24
N ARG C 38 62.10 5.46 35.54
CA ARG C 38 61.63 4.47 36.50
C ARG C 38 60.19 4.06 36.18
N ALA C 39 59.31 5.05 36.05
CA ALA C 39 57.95 4.77 35.63
C ALA C 39 57.92 4.31 34.18
N GLU C 40 58.38 5.16 33.26
CA GLU C 40 58.11 4.98 31.84
C GLU C 40 58.49 3.58 31.39
N LEU C 41 59.78 3.25 31.41
CA LEU C 41 60.21 1.93 30.97
C LEU C 41 59.38 0.85 31.66
N ALA C 42 59.27 0.94 32.99
CA ALA C 42 58.57 -0.10 33.73
C ALA C 42 57.20 -0.34 33.12
N LEU C 43 56.43 0.75 32.92
CA LEU C 43 55.10 0.60 32.38
C LEU C 43 55.16 -0.16 31.06
N LEU C 44 55.99 0.31 30.14
CA LEU C 44 56.14 -0.39 28.87
C LEU C 44 56.25 -1.88 29.12
N SER C 45 57.23 -2.28 29.93
CA SER C 45 57.45 -3.69 30.19
C SER C 45 56.12 -4.38 30.44
N ILE C 46 55.41 -3.97 31.50
CA ILE C 46 54.24 -4.75 31.90
C ILE C 46 53.24 -4.80 30.76
N VAL C 47 52.98 -3.65 30.13
CA VAL C 47 51.95 -3.65 29.10
C VAL C 47 52.35 -4.59 27.97
N PHE C 48 53.61 -4.52 27.55
CA PHE C 48 54.11 -5.45 26.56
C PHE C 48 53.71 -6.87 26.96
N VAL C 49 54.14 -7.28 28.15
CA VAL C 49 53.82 -8.62 28.60
C VAL C 49 52.34 -8.88 28.36
N ALA C 50 51.49 -8.03 28.95
CA ALA C 50 50.05 -8.22 28.84
C ALA C 50 49.70 -8.54 27.40
N VAL C 51 49.94 -7.59 26.48
CA VAL C 51 49.46 -7.79 25.12
C VAL C 51 49.95 -9.14 24.62
N ALA C 52 51.27 -9.36 24.67
CA ALA C 52 51.81 -10.60 24.17
C ALA C 52 51.01 -11.77 24.71
N LEU C 53 51.04 -11.94 26.03
CA LEU C 53 50.34 -13.06 26.66
C LEU C 53 48.96 -13.20 26.05
N SER C 54 48.13 -12.16 26.21
CA SER C 54 46.73 -12.30 25.83
C SER C 54 46.62 -12.79 24.41
N ASN C 55 47.30 -12.11 23.48
CA ASN C 55 47.16 -12.47 22.08
C ASN C 55 47.56 -13.93 21.88
N GLY C 56 48.72 -14.30 22.39
CA GLY C 56 49.17 -15.68 22.30
C GLY C 56 48.02 -16.58 22.66
N LEU C 57 47.51 -16.41 23.89
CA LEU C 57 46.47 -17.31 24.39
C LEU C 57 45.34 -17.41 23.38
N VAL C 58 44.81 -16.27 22.94
CA VAL C 58 43.66 -16.31 22.04
C VAL C 58 44.00 -17.11 20.80
N LEU C 59 45.15 -16.82 20.19
CA LEU C 59 45.54 -17.53 18.99
C LEU C 59 45.55 -19.04 19.25
N ALA C 60 46.15 -19.45 20.37
CA ALA C 60 46.18 -20.86 20.70
C ALA C 60 44.77 -21.43 20.67
N ALA C 61 43.84 -20.77 21.38
CA ALA C 61 42.46 -21.23 21.40
C ALA C 61 41.96 -21.45 19.98
N LEU C 62 42.16 -20.45 19.12
CA LEU C 62 41.69 -20.56 17.74
C LEU C 62 42.20 -21.84 17.11
N ALA C 63 43.51 -22.10 17.23
CA ALA C 63 44.07 -23.29 16.63
C ALA C 63 43.36 -24.54 17.13
N ARG C 64 43.11 -24.61 18.44
CA ARG C 64 42.39 -25.76 18.98
C ARG C 64 41.03 -25.89 18.31
N ARG C 65 40.29 -24.77 18.23
CA ARG C 65 38.97 -24.81 17.60
C ARG C 65 39.07 -25.05 16.09
N GLY C 66 40.26 -24.91 15.52
CA GLY C 66 40.47 -25.20 14.12
C GLY C 66 40.94 -26.63 13.92
N ARG C 67 41.36 -27.28 15.00
CA ARG C 67 41.80 -28.66 14.96
C ARG C 67 40.73 -29.63 15.44
N ARG C 68 39.74 -29.16 16.19
CA ARG C 68 38.67 -30.00 16.71
C ARG C 68 37.46 -30.05 15.77
N GLY C 69 37.49 -29.31 14.67
CA GLY C 69 36.44 -29.38 13.67
C GLY C 69 35.39 -28.29 13.75
N HIS C 70 35.59 -27.24 14.54
CA HIS C 70 34.64 -26.15 14.67
C HIS C 70 35.24 -24.84 14.17
N TRP C 71 35.93 -24.88 13.04
CA TRP C 71 36.44 -23.66 12.44
C TRP C 71 35.29 -22.80 11.93
N ALA C 72 35.46 -21.49 12.01
CA ALA C 72 34.42 -20.53 11.65
C ALA C 72 34.85 -19.45 10.68
N PRO C 73 33.94 -18.96 9.83
CA PRO C 73 34.32 -17.91 8.90
C PRO C 73 34.82 -16.65 9.58
N ILE C 74 34.28 -16.30 10.74
CA ILE C 74 34.74 -15.08 11.41
C ILE C 74 36.08 -15.32 12.08
N HIS C 75 36.38 -16.56 12.47
CA HIS C 75 37.61 -16.82 13.23
C HIS C 75 38.81 -16.21 12.53
N VAL C 76 38.93 -16.43 11.23
CA VAL C 76 40.07 -15.88 10.49
C VAL C 76 40.26 -14.41 10.85
N PHE C 77 39.22 -13.59 10.65
CA PHE C 77 39.34 -12.17 10.94
C PHE C 77 39.93 -11.98 12.32
N ILE C 78 39.33 -12.59 13.34
CA ILE C 78 39.79 -12.37 14.70
C ILE C 78 41.27 -12.68 14.79
N GLY C 79 41.66 -13.87 14.31
CA GLY C 79 43.06 -14.24 14.40
C GLY C 79 43.96 -13.20 13.78
N HIS C 80 43.62 -12.74 12.58
CA HIS C 80 44.44 -11.76 11.91
C HIS C 80 44.53 -10.48 12.73
N LEU C 81 43.40 -10.03 13.29
CA LEU C 81 43.44 -8.87 14.16
C LEU C 81 44.44 -9.08 15.27
N CYS C 82 44.38 -10.25 15.91
CA CYS C 82 45.34 -10.56 16.96
C CYS C 82 46.75 -10.43 16.42
N LEU C 83 47.01 -11.00 15.24
CA LEU C 83 48.33 -10.87 14.65
C LEU C 83 48.74 -9.41 14.60
N ALA C 84 47.86 -8.56 14.08
CA ALA C 84 48.18 -7.14 14.01
C ALA C 84 48.61 -6.62 15.38
N ASP C 85 47.81 -6.91 16.40
CA ASP C 85 48.16 -6.47 17.74
C ASP C 85 49.56 -6.92 18.08
N LEU C 86 49.84 -8.22 17.91
CA LEU C 86 51.18 -8.72 18.19
C LEU C 86 52.21 -7.87 17.48
N ALA C 87 52.03 -7.66 16.17
CA ALA C 87 52.98 -6.87 15.42
C ALA C 87 53.22 -5.54 16.10
N VAL C 88 52.14 -4.82 16.42
CA VAL C 88 52.27 -3.55 17.10
C VAL C 88 53.24 -3.70 18.26
N ALA C 89 52.92 -4.61 19.18
CA ALA C 89 53.80 -4.83 20.33
C ALA C 89 55.23 -5.02 19.86
N LEU C 90 55.46 -6.06 19.05
CA LEU C 90 56.82 -6.46 18.71
C LEU C 90 57.56 -5.32 18.04
N PHE C 91 56.85 -4.36 17.46
CA PHE C 91 57.47 -3.29 16.70
C PHE C 91 57.42 -1.95 17.39
N GLN C 92 56.52 -1.77 18.36
CA GLN C 92 56.32 -0.46 18.93
C GLN C 92 56.63 -0.31 20.42
N VAL C 93 56.22 -1.23 21.28
CA VAL C 93 56.52 -1.11 22.70
C VAL C 93 57.79 -1.87 23.07
N LEU C 94 58.20 -2.85 22.26
CA LEU C 94 59.44 -3.56 22.55
C LEU C 94 60.62 -2.67 22.15
N PRO C 95 60.69 -2.17 20.91
CA PRO C 95 61.76 -1.22 20.57
C PRO C 95 61.77 -0.03 21.51
N GLN C 96 60.61 0.58 21.72
CA GLN C 96 60.53 1.70 22.65
C GLN C 96 60.96 1.24 24.04
N LEU C 97 60.79 -0.05 24.34
CA LEU C 97 61.36 -0.65 25.54
C LEU C 97 62.79 -1.09 25.26
N ALA C 98 63.59 -0.10 24.85
CA ALA C 98 65.01 -0.24 24.60
C ALA C 98 65.70 0.81 25.45
N TRP C 99 66.96 1.12 25.17
CA TRP C 99 67.62 2.27 25.79
C TRP C 99 66.99 3.54 25.22
N LYS C 100 65.71 3.72 25.59
CA LYS C 100 64.83 4.73 25.00
C LYS C 100 65.01 4.80 23.49
N ALA C 101 64.70 3.67 22.84
CA ALA C 101 64.68 3.51 21.38
C ALA C 101 65.47 4.55 20.61
N THR C 102 64.93 5.76 20.48
CA THR C 102 65.60 6.80 19.71
C THR C 102 66.86 7.25 20.44
N ASP C 103 67.98 6.60 20.12
CA ASP C 103 69.28 6.88 20.72
C ASP C 103 70.32 6.17 19.88
N ARG C 104 71.56 6.13 20.36
CA ARG C 104 72.60 5.38 19.68
C ARG C 104 72.44 3.89 19.95
N PHE C 105 73.41 3.09 19.52
CA PHE C 105 73.44 1.65 19.79
C PHE C 105 72.31 0.90 19.07
N ARG C 106 71.66 1.52 18.09
CA ARG C 106 70.59 0.82 17.37
C ARG C 106 71.20 -0.05 16.26
N GLY C 107 71.90 0.58 15.33
CA GLY C 107 72.48 -0.10 14.20
C GLY C 107 72.68 0.83 13.04
N PRO C 108 72.78 0.29 11.83
CA PRO C 108 72.90 1.16 10.64
C PRO C 108 71.59 1.85 10.31
N ASP C 109 71.62 2.76 9.34
CA ASP C 109 70.39 3.43 8.93
C ASP C 109 69.35 2.44 8.45
N ALA C 110 69.78 1.34 7.85
CA ALA C 110 68.83 0.37 7.32
C ALA C 110 67.94 -0.19 8.42
N LEU C 111 68.53 -0.55 9.56
CA LEU C 111 67.73 -1.10 10.65
C LEU C 111 66.72 -0.08 11.16
N CYS C 112 67.14 1.19 11.32
CA CYS C 112 66.24 2.20 11.81
C CYS C 112 65.08 2.41 10.84
N ARG C 113 65.38 2.51 9.55
CA ARG C 113 64.32 2.69 8.56
C ARG C 113 63.37 1.51 8.57
N ALA C 114 63.91 0.29 8.66
CA ALA C 114 63.05 -0.89 8.68
C ALA C 114 62.17 -0.90 9.91
N VAL C 115 62.70 -0.52 11.07
CA VAL C 115 61.92 -0.52 12.30
C VAL C 115 60.77 0.49 12.19
N LYS C 116 61.07 1.68 11.68
CA LYS C 116 60.02 2.68 11.53
C LYS C 116 58.96 2.23 10.53
N TYR C 117 59.39 1.60 9.44
CA TYR C 117 58.42 1.06 8.49
C TYR C 117 57.54 0.01 9.14
N LEU C 118 58.15 -0.85 9.97
CA LEU C 118 57.38 -1.87 10.66
C LEU C 118 56.37 -1.23 11.61
N GLN C 119 56.76 -0.19 12.32
CA GLN C 119 55.83 0.50 13.20
C GLN C 119 54.66 1.07 12.42
N MET C 120 54.94 1.73 11.30
CA MET C 120 53.86 2.36 10.54
C MET C 120 52.93 1.31 9.95
N VAL C 121 53.48 0.21 9.43
CA VAL C 121 52.61 -0.84 8.89
C VAL C 121 51.79 -1.47 10.00
N GLY C 122 52.36 -1.59 11.21
CA GLY C 122 51.59 -2.08 12.33
C GLY C 122 50.42 -1.17 12.66
N MET C 123 50.67 0.14 12.68
CA MET C 123 49.59 1.09 12.95
C MET C 123 48.49 0.97 11.90
N TYR C 124 48.88 0.94 10.63
CA TYR C 124 47.89 0.84 9.56
C TYR C 124 47.09 -0.46 9.67
N ALA C 125 47.77 -1.57 9.96
CA ALA C 125 47.07 -2.84 10.09
C ALA C 125 46.09 -2.82 11.24
N SER C 126 46.52 -2.28 12.39
CA SER C 126 45.60 -2.19 13.52
C SER C 126 44.38 -1.36 13.16
N SER C 127 44.58 -0.26 12.45
CA SER C 127 43.44 0.58 12.06
C SER C 127 42.52 -0.16 11.09
N TYR C 128 43.10 -0.89 10.13
CA TYR C 128 42.32 -1.40 9.00
C TYR C 128 41.72 -2.78 9.23
N MET C 129 42.24 -3.56 10.18
CA MET C 129 41.63 -4.86 10.45
C MET C 129 40.24 -4.70 11.04
N ILE C 130 40.04 -3.70 11.90
CA ILE C 130 38.71 -3.43 12.42
C ILE C 130 37.78 -2.99 11.29
N LEU C 131 38.30 -2.19 10.35
CA LEU C 131 37.51 -1.82 9.19
C LEU C 131 37.10 -3.04 8.38
N ALA C 132 38.04 -3.98 8.18
CA ALA C 132 37.73 -5.20 7.45
C ALA C 132 36.66 -6.02 8.17
N MET C 133 36.77 -6.13 9.49
CA MET C 133 35.76 -6.86 10.26
C MET C 133 34.40 -6.21 10.12
N THR C 134 34.34 -4.88 10.22
CA THR C 134 33.06 -4.20 10.09
C THR C 134 32.49 -4.36 8.68
N LEU C 135 33.34 -4.31 7.66
CA LEU C 135 32.87 -4.51 6.30
C LEU C 135 32.33 -5.93 6.12
N ASP C 136 33.00 -6.92 6.72
CA ASP C 136 32.50 -8.28 6.65
C ASP C 136 31.14 -8.39 7.33
N ARG C 137 30.98 -7.75 8.49
CA ARG C 137 29.68 -7.76 9.15
C ARG C 137 28.62 -7.12 8.28
N HIS C 138 28.95 -5.99 7.65
CA HIS C 138 28.00 -5.34 6.76
C HIS C 138 27.61 -6.25 5.61
N ARG C 139 28.59 -6.94 5.02
CA ARG C 139 28.30 -7.86 3.93
C ARG C 139 27.40 -9.00 4.40
N ALA C 140 27.67 -9.55 5.59
CA ALA C 140 26.89 -10.66 6.10
C ALA C 140 25.51 -10.25 6.58
N ILE C 141 25.29 -8.96 6.82
CA ILE C 141 24.01 -8.47 7.32
C ILE C 141 23.18 -7.80 6.25
N CYS C 142 23.79 -7.30 5.17
CA CYS C 142 23.10 -6.54 4.14
C CYS C 142 23.09 -7.23 2.79
N ARG C 143 24.26 -7.66 2.31
CA ARG C 143 24.40 -8.27 0.99
C ARG C 143 25.15 -9.59 1.11
N PRO C 144 24.50 -10.63 1.64
CA PRO C 144 25.16 -11.94 1.71
C PRO C 144 25.56 -12.42 0.33
N MET C 145 26.73 -13.06 0.27
CA MET C 145 27.26 -13.56 -1.00
C MET C 145 27.04 -15.07 -1.10
N GLY C 151 39.04 -17.85 -3.94
CA GLY C 151 38.27 -18.09 -2.73
C GLY C 151 38.95 -17.55 -1.48
N SER C 152 38.71 -18.21 -0.36
CA SER C 152 39.29 -17.83 0.92
C SER C 152 39.91 -19.06 1.58
N GLY C 153 41.11 -18.86 2.15
CA GLY C 153 41.79 -19.91 2.87
C GLY C 153 41.36 -20.00 4.32
N ALA C 154 41.97 -20.94 5.03
CA ALA C 154 41.68 -21.14 6.44
C ALA C 154 42.41 -20.14 7.33
N HIS C 155 43.35 -19.37 6.78
CA HIS C 155 44.09 -18.39 7.57
C HIS C 155 44.26 -17.08 6.81
N TRP C 156 43.34 -16.77 5.90
CA TRP C 156 43.39 -15.53 5.13
C TRP C 156 42.13 -15.48 4.27
N ASN C 157 41.93 -14.32 3.63
CA ASN C 157 40.78 -14.10 2.76
C ASN C 157 41.01 -12.79 2.02
N ARG C 158 40.04 -12.43 1.18
CA ARG C 158 40.17 -11.22 0.38
C ARG C 158 40.27 -9.96 1.24
N PRO C 159 39.33 -9.68 2.14
CA PRO C 159 39.38 -8.39 2.85
C PRO C 159 40.61 -8.24 3.74
N VAL C 160 41.01 -9.29 4.45
CA VAL C 160 42.16 -9.17 5.34
C VAL C 160 43.44 -8.99 4.53
N LEU C 161 43.60 -9.75 3.45
CA LEU C 161 44.77 -9.57 2.60
C LEU C 161 44.79 -8.17 1.99
N VAL C 162 43.63 -7.66 1.61
CA VAL C 162 43.57 -6.30 1.08
C VAL C 162 44.01 -5.30 2.13
N ALA C 163 43.55 -5.47 3.37
CA ALA C 163 43.92 -4.56 4.44
C ALA C 163 45.42 -4.62 4.69
N TRP C 164 46.00 -5.82 4.75
CA TRP C 164 47.44 -5.94 4.96
C TRP C 164 48.22 -5.31 3.81
N ALA C 165 47.77 -5.54 2.57
CA ALA C 165 48.47 -4.96 1.43
C ALA C 165 48.41 -3.44 1.46
N PHE C 166 47.23 -2.88 1.77
CA PHE C 166 47.11 -1.43 1.85
C PHE C 166 47.97 -0.88 2.97
N SER C 167 48.03 -1.57 4.11
CA SER C 167 48.90 -1.14 5.20
C SER C 167 50.35 -1.14 4.77
N LEU C 168 50.79 -2.18 4.07
CA LEU C 168 52.19 -2.23 3.62
C LEU C 168 52.49 -1.15 2.60
N LEU C 169 51.60 -0.95 1.63
CA LEU C 169 51.88 -0.04 0.53
C LEU C 169 51.72 1.43 0.92
N LEU C 170 50.86 1.73 1.89
CA LEU C 170 50.68 3.11 2.31
C LEU C 170 51.77 3.59 3.27
N SER C 171 52.53 2.67 3.86
CA SER C 171 53.60 3.03 4.79
C SER C 171 54.96 3.13 4.12
N LEU C 172 55.02 3.00 2.80
CA LEU C 172 56.29 3.19 2.10
C LEU C 172 56.91 4.55 2.38
N PRO C 173 56.16 5.65 2.46
CA PRO C 173 56.79 6.95 2.72
C PRO C 173 57.67 6.96 3.96
N GLN C 174 57.36 6.15 4.96
CA GLN C 174 58.16 6.13 6.18
C GLN C 174 59.63 5.82 5.88
N LEU C 175 59.91 5.12 4.79
CA LEU C 175 61.31 4.85 4.42
C LEU C 175 62.01 6.12 3.96
N PHE C 176 61.32 6.93 3.16
CA PHE C 176 61.95 8.16 2.65
C PHE C 176 62.18 9.16 3.77
N ILE C 177 61.15 9.40 4.60
CA ILE C 177 61.25 10.44 5.62
C ILE C 177 62.31 10.08 6.65
N PHE C 178 62.32 8.82 7.09
CA PHE C 178 63.17 8.39 8.19
C PHE C 178 64.48 7.80 7.67
N ALA C 179 65.54 8.01 8.44
CA ALA C 179 66.87 7.51 8.12
C ALA C 179 67.72 7.62 9.38
N GLN C 180 69.00 7.28 9.26
CA GLN C 180 69.94 7.40 10.38
C GLN C 180 70.54 8.80 10.43
N ARG C 181 69.66 9.77 10.71
CA ARG C 181 70.06 11.17 10.75
C ARG C 181 70.85 11.44 12.02
N ASN C 182 72.10 11.86 11.87
CA ASN C 182 72.95 12.18 13.02
C ASN C 182 74.24 12.84 12.56
N ASP C 191 71.45 9.24 18.14
CA ASP C 191 70.01 9.17 17.92
C ASP C 191 69.70 8.92 16.45
N CYS C 192 68.44 8.59 16.16
CA CYS C 192 68.00 8.33 14.80
C CYS C 192 66.61 8.95 14.64
N TRP C 193 66.57 10.19 14.17
CA TRP C 193 65.33 10.91 13.92
C TRP C 193 65.18 11.16 12.42
N ALA C 194 64.05 11.74 12.04
CA ALA C 194 63.73 12.00 10.65
C ALA C 194 63.61 13.50 10.41
N CYS C 195 64.30 13.99 9.39
CA CYS C 195 64.16 15.37 8.93
C CYS C 195 63.36 15.37 7.64
N PHE C 196 62.35 16.23 7.56
CA PHE C 196 61.45 16.32 6.43
C PHE C 196 61.58 17.70 5.79
N ALA C 197 60.82 17.91 4.72
CA ALA C 197 60.89 19.17 3.99
C ALA C 197 60.59 20.33 4.92
N GLU C 198 61.49 21.31 4.93
CA GLU C 198 61.26 22.51 5.72
C GLU C 198 59.94 23.20 5.37
N PRO C 199 59.51 23.28 4.11
CA PRO C 199 58.20 23.87 3.82
C PRO C 199 57.05 23.01 4.29
N TRP C 200 56.78 23.02 5.59
CA TRP C 200 55.67 22.28 6.17
C TRP C 200 55.76 20.79 5.90
N GLY C 201 56.78 20.13 6.41
CA GLY C 201 56.76 18.68 6.45
C GLY C 201 56.18 18.23 7.78
N ARG C 202 54.87 18.01 7.79
CA ARG C 202 54.10 17.68 8.99
C ARG C 202 52.62 17.92 8.69
N ARG C 203 52.30 19.14 8.24
CA ARG C 203 50.92 19.44 7.88
C ARG C 203 50.45 18.58 6.72
N THR C 204 51.37 17.99 5.97
CA THR C 204 51.03 17.08 4.89
C THR C 204 51.36 15.63 5.19
N TYR C 205 52.31 15.35 6.09
CA TYR C 205 52.63 13.98 6.45
C TYR C 205 51.83 13.52 7.67
N VAL C 206 51.97 14.22 8.80
CA VAL C 206 51.22 13.84 9.99
C VAL C 206 49.73 13.99 9.76
N THR C 207 49.30 15.08 9.12
CA THR C 207 47.88 15.24 8.82
C THR C 207 47.38 14.15 7.89
N TRP C 208 48.17 13.79 6.87
CA TRP C 208 47.75 12.71 5.98
C TRP C 208 47.68 11.38 6.73
N ILE C 209 48.63 11.14 7.63
CA ILE C 209 48.61 9.91 8.41
C ILE C 209 47.34 9.84 9.25
N ALA C 210 47.01 10.94 9.93
CA ALA C 210 45.79 10.97 10.72
C ALA C 210 44.55 10.81 9.85
N LEU C 211 44.56 11.40 8.65
CA LEU C 211 43.40 11.30 7.77
C LEU C 211 43.20 9.88 7.26
N MET C 212 44.29 9.18 6.93
CA MET C 212 44.19 7.86 6.33
C MET C 212 44.08 6.75 7.35
N VAL C 213 44.56 6.97 8.57
CA VAL C 213 44.58 5.92 9.60
C VAL C 213 43.37 6.03 10.51
N PHE C 214 43.05 7.24 10.96
CA PHE C 214 42.01 7.45 11.97
C PHE C 214 40.74 8.04 11.41
N VAL C 215 40.82 9.14 10.66
CA VAL C 215 39.62 9.84 10.22
C VAL C 215 38.83 8.97 9.26
N ALA C 216 39.42 8.64 8.11
CA ALA C 216 38.67 7.93 7.07
C ALA C 216 38.25 6.54 7.51
N PRO C 217 39.14 5.69 8.04
CA PRO C 217 38.67 4.36 8.49
C PRO C 217 37.60 4.44 9.56
N THR C 218 37.72 5.37 10.52
CA THR C 218 36.71 5.47 11.57
C THR C 218 35.38 5.96 11.02
N LEU C 219 35.41 6.91 10.08
CA LEU C 219 34.17 7.38 9.47
C LEU C 219 33.51 6.27 8.67
N GLY C 220 34.30 5.50 7.91
CA GLY C 220 33.74 4.38 7.19
C GLY C 220 33.15 3.33 8.13
N ILE C 221 33.83 3.06 9.24
CA ILE C 221 33.32 2.11 10.21
C ILE C 221 32.02 2.62 10.82
N ALA C 222 31.95 3.92 11.11
CA ALA C 222 30.72 4.47 11.67
C ALA C 222 29.57 4.36 10.68
N ALA C 223 29.82 4.66 9.41
CA ALA C 223 28.78 4.52 8.40
C ALA C 223 28.32 3.07 8.27
N CYS C 224 29.27 2.14 8.24
CA CYS C 224 28.90 0.74 8.17
C CYS C 224 28.11 0.31 9.39
N GLN C 225 28.49 0.81 10.57
CA GLN C 225 27.79 0.45 11.79
C GLN C 225 26.37 0.97 11.79
N VAL C 226 26.16 2.23 11.35
CA VAL C 226 24.81 2.77 11.34
C VAL C 226 23.96 2.03 10.32
N LEU C 227 24.52 1.71 9.15
CA LEU C 227 23.77 0.92 8.18
C LEU C 227 23.43 -0.46 8.72
N ILE C 228 24.39 -1.10 9.39
CA ILE C 228 24.16 -2.43 9.94
C ILE C 228 23.07 -2.39 10.99
N PHE C 229 23.07 -1.36 11.84
CA PHE C 229 22.05 -1.27 12.88
C PHE C 229 20.69 -0.93 12.29
N ARG C 230 20.64 -0.14 11.22
CA ARG C 230 19.39 0.04 10.50
C ARG C 230 18.87 -1.31 10.01
N GLU C 231 19.74 -2.11 9.40
CA GLU C 231 19.32 -3.41 8.90
C GLU C 231 18.82 -4.31 10.02
N ILE C 232 19.54 -4.32 11.15
CA ILE C 232 19.14 -5.17 12.27
C ILE C 232 17.82 -4.72 12.86
N HIS C 233 17.61 -3.41 12.98
CA HIS C 233 16.32 -2.91 13.45
C HIS C 233 15.20 -3.29 12.49
N ALA C 234 15.49 -3.28 11.18
CA ALA C 234 14.51 -3.77 10.21
C ALA C 234 14.19 -5.23 10.48
N ALA C 235 15.22 -6.06 10.62
CA ALA C 235 15.04 -7.46 10.99
C ALA C 235 14.86 -7.53 12.50
N ARG C 236 13.62 -7.34 12.95
CA ARG C 236 13.29 -7.16 14.36
C ARG C 236 11.85 -6.71 14.46
N ARG C 237 11.49 -5.71 13.66
CA ARG C 237 10.08 -5.35 13.53
C ARG C 237 9.32 -6.38 12.70
N GLN C 238 10.01 -7.02 11.75
CA GLN C 238 9.37 -8.11 11.01
C GLN C 238 9.12 -9.31 11.90
N LEU C 239 10.12 -9.72 12.68
CA LEU C 239 9.90 -10.77 13.66
C LEU C 239 8.88 -10.34 14.70
N ALA C 240 8.83 -9.05 15.02
CA ALA C 240 7.81 -8.56 15.95
C ALA C 240 6.42 -8.74 15.36
N ASP C 241 6.26 -8.45 14.07
CA ASP C 241 4.97 -8.65 13.41
C ASP C 241 4.58 -10.12 13.40
N LEU C 242 5.54 -11.00 13.10
CA LEU C 242 5.23 -12.43 13.11
C LEU C 242 4.85 -12.89 14.51
N GLU C 243 5.55 -12.41 15.54
CA GLU C 243 5.21 -12.76 16.91
C GLU C 243 3.82 -12.27 17.27
N ASP C 244 3.48 -11.05 16.84
CA ASP C 244 2.15 -10.52 17.11
C ASP C 244 1.08 -11.35 16.42
N ASN C 245 1.33 -11.77 15.18
CA ASN C 245 0.39 -12.63 14.49
C ASN C 245 0.20 -13.94 15.24
N TRP C 246 1.30 -14.53 15.72
CA TRP C 246 1.19 -15.75 16.51
C TRP C 246 0.38 -15.51 17.78
N GLU C 247 0.63 -14.39 18.45
CA GLU C 247 -0.07 -14.11 19.70
C GLU C 247 -1.56 -13.93 19.46
N THR C 248 -1.94 -13.19 18.42
CA THR C 248 -3.36 -13.01 18.13
C THR C 248 -4.01 -14.33 17.72
N LEU C 249 -3.29 -15.16 16.97
CA LEU C 249 -3.82 -16.46 16.61
C LEU C 249 -4.10 -17.30 17.85
N ASN C 250 -3.13 -17.34 18.78
CA ASN C 250 -3.33 -18.12 20.00
C ASN C 250 -4.48 -17.56 20.84
N ASP C 251 -4.54 -16.23 20.98
CA ASP C 251 -5.58 -15.63 21.80
C ASP C 251 -6.96 -15.91 21.21
N ASN C 252 -7.10 -15.79 19.89
CA ASN C 252 -8.38 -16.06 19.26
C ASN C 252 -8.74 -17.54 19.33
N LEU C 253 -7.75 -18.43 19.28
CA LEU C 253 -8.05 -19.84 19.46
C LEU C 253 -8.58 -20.11 20.87
N LYS C 254 -7.98 -19.47 21.86
CA LYS C 254 -8.50 -19.58 23.22
C LYS C 254 -9.92 -19.04 23.31
N VAL C 255 -10.17 -17.91 22.63
CA VAL C 255 -11.52 -17.34 22.64
C VAL C 255 -12.52 -18.32 22.02
N ILE C 256 -12.13 -18.96 20.91
CA ILE C 256 -13.00 -19.95 20.29
C ILE C 256 -13.29 -21.07 21.26
N GLU C 257 -12.27 -21.53 21.97
CA GLU C 257 -12.48 -22.59 22.96
C GLU C 257 -13.47 -22.14 24.02
N LYS C 258 -13.34 -20.90 24.51
CA LYS C 258 -14.19 -20.42 25.58
C LYS C 258 -15.57 -19.98 25.09
N ALA C 259 -15.75 -19.76 23.79
CA ALA C 259 -16.98 -19.18 23.28
C ALA C 259 -18.14 -20.15 23.45
N ASP C 260 -19.36 -19.61 23.31
CA ASP C 260 -20.57 -20.41 23.44
C ASP C 260 -21.62 -20.05 22.39
N ASN C 261 -21.31 -19.19 21.43
CA ASN C 261 -22.27 -18.78 20.42
C ASN C 261 -21.56 -18.69 19.08
N ALA C 262 -22.35 -18.79 18.00
CA ALA C 262 -21.78 -18.81 16.67
C ALA C 262 -21.12 -17.48 16.31
N ALA C 263 -21.69 -16.37 16.78
CA ALA C 263 -21.17 -15.06 16.39
C ALA C 263 -19.73 -14.87 16.87
N GLN C 264 -19.48 -15.13 18.15
CA GLN C 264 -18.14 -14.95 18.69
C GLN C 264 -17.15 -15.93 18.05
N VAL C 265 -17.58 -17.17 17.83
CA VAL C 265 -16.71 -18.14 17.18
C VAL C 265 -16.33 -17.67 15.78
N LYS C 266 -17.30 -17.18 15.02
CA LYS C 266 -17.02 -16.72 13.66
C LYS C 266 -16.12 -15.50 13.67
N ASP C 267 -16.34 -14.57 14.60
CA ASP C 267 -15.47 -13.40 14.68
C ASP C 267 -14.04 -13.79 15.03
N ALA C 268 -13.88 -14.70 15.98
CA ALA C 268 -12.54 -15.16 16.34
C ALA C 268 -11.88 -15.87 15.16
N LEU C 269 -12.65 -16.67 14.43
CA LEU C 269 -12.09 -17.36 13.27
C LEU C 269 -11.66 -16.37 12.19
N THR C 270 -12.45 -15.31 12.00
CA THR C 270 -12.05 -14.28 11.04
C THR C 270 -10.76 -13.60 11.47
N LYS C 271 -10.63 -13.28 12.76
CA LYS C 271 -9.39 -12.69 13.24
C LYS C 271 -8.22 -13.63 13.02
N MET C 272 -8.41 -14.92 13.30
CA MET C 272 -7.35 -15.90 13.07
C MET C 272 -6.96 -15.96 11.61
N ARG C 273 -7.96 -15.95 10.71
CA ARG C 273 -7.68 -16.04 9.29
C ARG C 273 -6.89 -14.83 8.81
N ALA C 274 -7.28 -13.64 9.24
CA ALA C 274 -6.52 -12.45 8.85
C ALA C 274 -5.10 -12.51 9.38
N ALA C 275 -4.94 -12.94 10.64
CA ALA C 275 -3.60 -13.04 11.22
C ALA C 275 -2.74 -14.05 10.46
N ALA C 276 -3.31 -15.19 10.12
CA ALA C 276 -2.56 -16.20 9.39
C ALA C 276 -2.16 -15.70 8.01
N LEU C 277 -3.07 -15.04 7.31
CA LEU C 277 -2.73 -14.50 6.00
C LEU C 277 -1.60 -13.48 6.11
N ASP C 278 -1.67 -12.61 7.12
CA ASP C 278 -0.58 -11.64 7.30
C ASP C 278 0.74 -12.33 7.61
N ALA C 279 0.71 -13.35 8.46
CA ALA C 279 1.96 -14.03 8.85
C ALA C 279 2.59 -14.74 7.67
N GLN C 280 1.78 -15.41 6.86
CA GLN C 280 2.33 -16.17 5.73
C GLN C 280 3.13 -15.28 4.80
N LYS C 281 2.80 -13.99 4.74
CA LYS C 281 3.52 -13.04 3.89
C LYS C 281 4.67 -12.37 4.65
N ALA C 282 5.53 -13.19 5.25
CA ALA C 282 6.66 -12.70 6.05
C ALA C 282 7.92 -13.38 5.52
N THR C 283 8.55 -12.75 4.53
CA THR C 283 9.78 -13.29 3.97
C THR C 283 10.88 -13.27 5.03
N PRO C 284 11.80 -14.24 5.00
CA PRO C 284 12.87 -14.24 6.00
C PRO C 284 13.79 -13.05 5.80
N PRO C 285 14.45 -12.58 6.86
CA PRO C 285 15.41 -11.49 6.69
C PRO C 285 16.62 -11.91 5.88
N LYS C 286 17.38 -10.91 5.43
CA LYS C 286 18.57 -11.17 4.65
C LYS C 286 19.67 -11.86 5.45
N LEU C 287 19.52 -11.96 6.76
CA LEU C 287 20.53 -12.57 7.62
C LEU C 287 20.47 -14.09 7.60
N GLU C 288 19.60 -14.69 6.82
CA GLU C 288 19.40 -16.14 6.81
C GLU C 288 19.36 -16.63 5.37
N ASP C 289 18.92 -17.87 5.19
CA ASP C 289 18.92 -18.51 3.89
C ASP C 289 18.00 -17.77 2.91
N LYS C 290 18.10 -18.16 1.65
CA LYS C 290 17.27 -17.59 0.60
C LYS C 290 15.82 -18.02 0.79
N SER C 291 14.89 -17.10 0.49
CA SER C 291 13.48 -17.36 0.79
C SER C 291 12.94 -18.58 0.07
N PRO C 292 13.06 -18.72 -1.25
CA PRO C 292 12.65 -19.97 -1.92
C PRO C 292 13.63 -21.09 -1.61
N ASP C 293 13.19 -22.03 -0.77
CA ASP C 293 14.00 -23.18 -0.39
C ASP C 293 13.11 -24.18 0.31
N SER C 294 13.60 -25.41 0.44
CA SER C 294 12.82 -26.47 1.07
C SER C 294 12.33 -26.10 2.47
N PRO C 295 13.13 -25.49 3.34
CA PRO C 295 12.60 -25.17 4.69
C PRO C 295 11.35 -24.31 4.68
N GLU C 296 11.26 -23.33 3.77
CA GLU C 296 10.15 -22.39 3.76
C GLU C 296 9.08 -22.74 2.73
N MET C 297 9.47 -22.81 1.45
CA MET C 297 8.50 -23.10 0.40
C MET C 297 7.77 -24.41 0.67
N LYS C 298 8.41 -25.35 1.36
CA LYS C 298 7.84 -26.67 1.56
C LYS C 298 7.17 -26.85 2.92
N ASP C 299 7.54 -26.06 3.93
CA ASP C 299 7.02 -26.29 5.27
C ASP C 299 6.41 -25.03 5.88
N PHE C 300 6.97 -23.86 5.56
CA PHE C 300 6.43 -22.62 6.11
C PHE C 300 5.19 -22.17 5.35
N ARG C 301 5.34 -21.84 4.06
CA ARG C 301 4.19 -21.41 3.29
C ARG C 301 3.16 -22.51 3.16
N HIS C 302 3.59 -23.75 2.94
CA HIS C 302 2.65 -24.85 2.88
C HIS C 302 1.97 -25.07 4.24
N GLY C 303 2.73 -24.92 5.32
CA GLY C 303 2.12 -25.01 6.64
C GLY C 303 1.01 -23.98 6.82
N PHE C 304 1.27 -22.74 6.42
CA PHE C 304 0.25 -21.70 6.57
C PHE C 304 -0.91 -21.94 5.62
N ASP C 305 -0.66 -22.50 4.44
CA ASP C 305 -1.77 -22.83 3.53
C ASP C 305 -2.68 -23.86 4.16
N ILE C 306 -2.12 -24.90 4.76
CA ILE C 306 -2.95 -25.88 5.47
C ILE C 306 -3.66 -25.23 6.64
N LEU C 307 -2.96 -24.30 7.32
CA LEU C 307 -3.57 -23.56 8.42
C LEU C 307 -4.82 -22.83 7.96
N VAL C 308 -4.70 -22.07 6.88
CA VAL C 308 -5.83 -21.30 6.38
C VAL C 308 -6.93 -22.21 5.87
N GLY C 309 -6.57 -23.36 5.30
CA GLY C 309 -7.59 -24.31 4.90
C GLY C 309 -8.39 -24.83 6.07
N GLN C 310 -7.71 -25.14 7.17
CA GLN C 310 -8.43 -25.58 8.38
C GLN C 310 -9.30 -24.47 8.93
N ILE C 311 -8.79 -23.23 8.90
CA ILE C 311 -9.60 -22.10 9.36
C ILE C 311 -10.84 -21.94 8.50
N ASP C 312 -10.69 -22.08 7.18
CA ASP C 312 -11.83 -21.98 6.29
C ASP C 312 -12.85 -23.08 6.57
N ASP C 313 -12.38 -24.30 6.81
CA ASP C 313 -13.30 -25.38 7.12
C ASP C 313 -14.05 -25.11 8.43
N ALA C 314 -13.35 -24.61 9.44
CA ALA C 314 -14.00 -24.25 10.69
C ALA C 314 -15.03 -23.16 10.46
N LEU C 315 -14.70 -22.18 9.62
CA LEU C 315 -15.66 -21.11 9.32
C LEU C 315 -16.88 -21.63 8.61
N LYS C 316 -16.69 -22.58 7.67
CA LYS C 316 -17.83 -23.19 7.00
C LYS C 316 -18.72 -23.90 8.01
N LEU C 317 -18.12 -24.64 8.94
CA LEU C 317 -18.91 -25.32 9.96
C LEU C 317 -19.67 -24.33 10.82
N ALA C 318 -19.01 -23.23 11.20
CA ALA C 318 -19.66 -22.23 12.03
C ALA C 318 -20.84 -21.58 11.30
N ASN C 319 -20.63 -21.25 10.02
CA ASN C 319 -21.71 -20.65 9.23
C ASN C 319 -22.88 -21.61 9.09
N GLU C 320 -22.59 -22.91 8.92
CA GLU C 320 -23.66 -23.89 8.88
C GLU C 320 -24.41 -23.94 10.21
N GLY C 321 -23.75 -23.61 11.31
CA GLY C 321 -24.41 -23.53 12.60
C GLY C 321 -23.97 -24.56 13.63
N LYS C 322 -22.97 -25.39 13.32
CA LYS C 322 -22.48 -26.40 14.25
C LYS C 322 -21.27 -25.83 14.96
N VAL C 323 -21.49 -25.29 16.17
CA VAL C 323 -20.40 -24.66 16.91
C VAL C 323 -19.41 -25.70 17.39
N LYS C 324 -19.88 -26.87 17.82
CA LYS C 324 -18.99 -27.89 18.36
C LYS C 324 -17.98 -28.34 17.30
N GLU C 325 -18.44 -28.52 16.07
CA GLU C 325 -17.52 -28.86 14.99
C GLU C 325 -16.49 -27.75 14.79
N ALA C 326 -16.92 -26.50 14.92
CA ALA C 326 -15.98 -25.38 14.80
C ALA C 326 -14.92 -25.45 15.89
N GLN C 327 -15.32 -25.79 17.12
CA GLN C 327 -14.35 -25.88 18.22
C GLN C 327 -13.38 -27.03 17.99
N ALA C 328 -13.88 -28.16 17.51
CA ALA C 328 -12.98 -29.28 17.19
C ALA C 328 -12.00 -28.90 16.10
N ALA C 329 -12.48 -28.21 15.06
CA ALA C 329 -11.58 -27.75 14.01
C ALA C 329 -10.56 -26.77 14.54
N ALA C 330 -10.95 -25.92 15.49
CA ALA C 330 -10.01 -25.01 16.11
C ALA C 330 -8.93 -25.75 16.89
N GLU C 331 -9.31 -26.83 17.58
CA GLU C 331 -8.30 -27.62 18.29
C GLU C 331 -7.34 -28.28 17.31
N GLN C 332 -7.86 -28.83 16.21
CA GLN C 332 -6.98 -29.38 15.19
C GLN C 332 -6.06 -28.31 14.62
N LEU C 333 -6.58 -27.09 14.47
CA LEU C 333 -5.77 -25.97 14.02
C LEU C 333 -4.64 -25.68 14.99
N LYS C 334 -4.94 -25.71 16.29
CA LYS C 334 -3.88 -25.57 17.30
C LYS C 334 -2.80 -26.62 17.10
N THR C 335 -3.21 -27.88 16.94
CA THR C 335 -2.23 -28.95 16.77
C THR C 335 -1.35 -28.69 15.56
N THR C 336 -1.96 -28.34 14.43
CA THR C 336 -1.18 -28.14 13.20
C THR C 336 -0.23 -26.97 13.35
N ARG C 337 -0.69 -25.84 13.91
CA ARG C 337 0.18 -24.67 14.03
C ARG C 337 1.36 -24.97 14.95
N ASN C 338 1.10 -25.65 16.07
CA ASN C 338 2.19 -26.02 16.98
C ASN C 338 3.18 -26.94 16.28
N ALA C 339 2.67 -27.90 15.50
CA ALA C 339 3.58 -28.81 14.79
C ALA C 339 4.44 -28.08 13.79
N TYR C 340 3.87 -27.10 13.08
CA TYR C 340 4.54 -26.53 11.92
C TYR C 340 5.38 -25.29 12.24
N ILE C 341 4.78 -24.25 12.80
CA ILE C 341 5.41 -22.93 12.78
C ILE C 341 6.23 -22.63 14.03
N GLN C 342 6.01 -23.35 15.13
CA GLN C 342 6.69 -23.01 16.39
C GLN C 342 8.20 -23.16 16.24
N LYS C 343 8.65 -24.26 15.64
CA LYS C 343 10.09 -24.49 15.51
C LYS C 343 10.72 -23.45 14.60
N TYR C 344 10.06 -23.08 13.50
CA TYR C 344 10.60 -22.06 12.62
C TYR C 344 10.73 -20.74 13.34
N LEU C 345 9.70 -20.35 14.11
CA LEU C 345 9.77 -19.08 14.82
C LEU C 345 10.88 -19.11 15.86
N GLU C 346 11.01 -20.22 16.60
CA GLU C 346 12.06 -20.32 17.59
C GLU C 346 13.43 -20.19 16.94
N ARG C 347 13.64 -20.90 15.83
CA ARG C 347 14.93 -20.83 15.14
C ARG C 347 15.21 -19.43 14.66
N ALA C 348 14.20 -18.74 14.11
CA ALA C 348 14.40 -17.38 13.63
C ALA C 348 14.73 -16.44 14.79
N ARG C 349 14.21 -16.72 15.99
CA ARG C 349 14.51 -15.87 17.13
C ARG C 349 15.92 -16.07 17.66
N SER C 350 16.63 -17.10 17.21
CA SER C 350 17.97 -17.40 17.70
C SER C 350 19.07 -16.88 16.79
N THR C 351 18.93 -17.02 15.47
CA THR C 351 19.95 -16.51 14.57
C THR C 351 20.08 -15.00 14.68
N LEU C 352 18.95 -14.29 14.78
CA LEU C 352 19.02 -12.85 15.00
C LEU C 352 19.80 -12.52 16.25
N ALA C 353 19.64 -13.33 17.30
CA ALA C 353 20.42 -13.11 18.52
C ALA C 353 21.93 -13.25 18.31
N ALA C 354 22.36 -14.28 17.58
CA ALA C 354 23.78 -14.44 17.31
C ALA C 354 24.31 -13.29 16.46
N VAL C 355 23.55 -12.88 15.45
CA VAL C 355 23.98 -11.77 14.60
C VAL C 355 24.10 -10.49 15.42
N ALA C 356 23.12 -10.24 16.29
CA ALA C 356 23.18 -9.06 17.14
C ALA C 356 24.38 -9.13 18.08
N LYS C 357 24.67 -10.31 18.62
CA LYS C 357 25.80 -10.44 19.53
C LYS C 357 27.11 -10.15 18.82
N THR C 358 27.30 -10.68 17.61
CA THR C 358 28.54 -10.41 16.89
C THR C 358 28.63 -8.94 16.49
N VAL C 359 27.50 -8.33 16.11
CA VAL C 359 27.53 -6.92 15.78
C VAL C 359 27.88 -6.08 17.00
N ARG C 360 27.36 -6.46 18.17
CA ARG C 360 27.70 -5.75 19.39
C ARG C 360 29.18 -5.93 19.74
N MET C 361 29.72 -7.12 19.49
CA MET C 361 31.15 -7.32 19.70
C MET C 361 31.97 -6.39 18.81
N THR C 362 31.59 -6.30 17.53
CA THR C 362 32.30 -5.41 16.62
C THR C 362 32.17 -3.96 17.05
N LEU C 363 30.98 -3.56 17.50
CA LEU C 363 30.80 -2.18 17.97
C LEU C 363 31.66 -1.91 19.19
N VAL C 364 31.75 -2.87 20.11
CA VAL C 364 32.60 -2.69 21.29
C VAL C 364 34.05 -2.54 20.87
N ILE C 365 34.49 -3.36 19.92
CA ILE C 365 35.88 -3.27 19.46
C ILE C 365 36.14 -1.90 18.86
N VAL C 366 35.23 -1.41 18.04
CA VAL C 366 35.41 -0.10 17.40
C VAL C 366 35.46 0.99 18.45
N VAL C 367 34.54 0.94 19.42
CA VAL C 367 34.47 1.99 20.44
C VAL C 367 35.74 2.00 21.27
N VAL C 368 36.21 0.82 21.68
CA VAL C 368 37.45 0.77 22.47
C VAL C 368 38.62 1.29 21.64
N TYR C 369 38.70 0.90 20.37
CA TYR C 369 39.80 1.35 19.53
C TYR C 369 39.82 2.86 19.41
N VAL C 370 38.66 3.46 19.14
CA VAL C 370 38.63 4.91 19.00
C VAL C 370 38.96 5.58 20.34
N LEU C 371 38.38 5.09 21.43
CA LEU C 371 38.67 5.69 22.73
C LEU C 371 40.14 5.61 23.07
N CYS C 372 40.83 4.57 22.61
CA CYS C 372 42.23 4.37 22.96
C CYS C 372 43.18 5.10 22.02
N TRP C 373 42.84 5.25 20.74
CA TRP C 373 43.75 5.83 19.77
C TRP C 373 43.45 7.29 19.45
N ALA C 374 42.26 7.80 19.78
CA ALA C 374 41.94 9.19 19.45
C ALA C 374 42.90 10.17 20.11
N PRO C 375 43.21 10.07 21.41
CA PRO C 375 44.13 11.05 22.00
C PRO C 375 45.48 11.11 21.31
N PHE C 376 46.01 9.96 20.90
CA PHE C 376 47.33 9.93 20.28
C PHE C 376 47.34 10.73 18.98
N PHE C 377 46.41 10.40 18.07
CA PHE C 377 46.34 11.12 16.81
C PHE C 377 45.99 12.59 17.01
N LEU C 378 45.11 12.87 17.97
CA LEU C 378 44.74 14.25 18.24
C LEU C 378 45.96 15.06 18.67
N VAL C 379 46.76 14.53 19.60
CA VAL C 379 47.93 15.24 20.07
C VAL C 379 48.95 15.41 18.94
N GLN C 380 49.18 14.34 18.16
CA GLN C 380 50.15 14.44 17.08
C GLN C 380 49.72 15.48 16.06
N LEU C 381 48.44 15.49 15.68
CA LEU C 381 47.94 16.47 14.73
C LEU C 381 48.01 17.88 15.30
N TRP C 382 47.70 18.05 16.59
CA TRP C 382 47.78 19.34 17.23
C TRP C 382 49.20 19.88 17.15
N ALA C 383 50.17 19.03 17.48
CA ALA C 383 51.57 19.44 17.42
C ALA C 383 51.98 19.79 15.99
N ALA C 384 51.60 18.95 15.03
CA ALA C 384 52.02 19.14 13.65
C ALA C 384 51.42 20.38 13.02
N TRP C 385 50.08 20.42 12.92
CA TRP C 385 49.41 21.50 12.21
C TRP C 385 49.59 22.83 12.93
N ASP C 386 49.50 22.84 14.25
CA ASP C 386 49.52 24.08 15.00
C ASP C 386 50.93 24.65 15.08
N PRO C 387 51.05 25.99 15.11
CA PRO C 387 52.38 26.59 15.32
C PRO C 387 52.73 26.69 16.79
N GLU C 388 51.76 26.42 17.66
CA GLU C 388 51.95 26.49 19.10
C GLU C 388 52.45 25.17 19.67
N ALA C 389 52.86 24.23 18.83
CA ALA C 389 53.40 22.93 19.22
C ALA C 389 54.39 23.01 20.39
N PRO C 390 55.32 23.99 20.41
CA PRO C 390 56.37 23.99 21.43
C PRO C 390 56.01 23.45 22.81
N LEU C 391 54.89 23.88 23.41
CA LEU C 391 54.57 23.43 24.76
C LEU C 391 54.50 21.91 24.81
N GLU C 392 55.18 21.32 25.80
CA GLU C 392 55.26 19.88 25.91
C GLU C 392 55.67 19.52 27.33
N GLY C 393 54.85 18.70 27.99
CA GLY C 393 55.19 18.19 29.31
C GLY C 393 55.52 16.71 29.27
N ALA C 394 55.86 16.23 28.07
CA ALA C 394 56.13 14.82 27.83
C ALA C 394 54.95 13.94 28.23
N PRO C 395 53.73 14.24 27.78
CA PRO C 395 52.61 13.34 28.01
C PRO C 395 52.50 12.21 26.98
N PHE C 396 53.37 12.20 25.98
CA PHE C 396 53.26 11.22 24.90
C PHE C 396 53.42 9.79 25.40
N VAL C 397 54.09 9.59 26.54
CA VAL C 397 54.21 8.26 27.10
C VAL C 397 52.84 7.73 27.50
N LEU C 398 52.01 8.58 28.11
CA LEU C 398 50.67 8.15 28.51
C LEU C 398 49.83 7.83 27.29
N LEU C 399 49.94 8.63 26.23
CA LEU C 399 49.21 8.33 25.00
C LEU C 399 49.67 7.02 24.40
N MET C 400 50.98 6.76 24.45
CA MET C 400 51.52 5.50 23.94
C MET C 400 50.94 4.32 24.70
N LEU C 401 50.94 4.40 26.03
CA LEU C 401 50.39 3.31 26.84
C LEU C 401 48.90 3.15 26.59
N LEU C 402 48.18 4.26 26.44
CA LEU C 402 46.75 4.18 26.16
C LEU C 402 46.49 3.51 24.82
N ALA C 403 47.32 3.82 23.81
CA ALA C 403 47.19 3.17 22.52
C ALA C 403 47.43 1.67 22.63
N SER C 404 48.46 1.27 23.38
CA SER C 404 48.72 -0.15 23.56
C SER C 404 47.61 -0.85 24.36
N LEU C 405 46.86 -0.08 25.17
CA LEU C 405 45.75 -0.67 25.91
C LEU C 405 44.77 -1.35 24.97
N ASN C 406 44.46 -0.71 23.84
CA ASN C 406 43.51 -1.31 22.90
C ASN C 406 44.05 -2.63 22.35
N SER C 407 45.34 -2.68 22.02
CA SER C 407 45.92 -3.89 21.46
C SER C 407 45.86 -5.02 22.48
N CYS C 408 46.12 -4.74 23.75
CA CYS C 408 46.02 -5.81 24.75
C CYS C 408 44.59 -6.08 25.19
N THR C 409 43.64 -5.21 24.85
CA THR C 409 42.26 -5.38 25.28
C THR C 409 41.41 -6.12 24.26
N ASN C 410 41.73 -6.01 22.97
CA ASN C 410 40.93 -6.69 21.95
C ASN C 410 40.72 -8.18 22.22
N PRO C 411 41.75 -8.97 22.55
CA PRO C 411 41.49 -10.40 22.78
C PRO C 411 40.51 -10.66 23.91
N TRP C 412 40.55 -9.87 24.98
CA TRP C 412 39.58 -10.05 26.06
C TRP C 412 38.18 -9.70 25.59
N ILE C 413 38.06 -8.67 24.75
CA ILE C 413 36.75 -8.34 24.19
C ILE C 413 36.21 -9.52 23.40
N TYR C 414 37.05 -10.13 22.57
CA TYR C 414 36.56 -11.26 21.77
C TYR C 414 36.20 -12.44 22.68
N ALA C 415 37.02 -12.72 23.68
CA ALA C 415 36.77 -13.87 24.55
C ALA C 415 35.43 -13.74 25.26
N SER C 416 35.13 -12.55 25.78
CA SER C 416 33.89 -12.33 26.52
C SER C 416 32.65 -12.37 25.64
N PHE C 417 32.80 -12.32 24.31
CA PHE C 417 31.67 -12.31 23.41
C PHE C 417 31.51 -13.61 22.63
N SER C 418 32.30 -14.63 22.97
CA SER C 418 32.19 -15.94 22.33
C SER C 418 32.22 -17.01 23.41
N SER C 419 31.15 -17.79 23.51
CA SER C 419 31.08 -18.82 24.54
C SER C 419 32.13 -19.91 24.32
N SER C 420 32.28 -20.37 23.08
CA SER C 420 33.25 -21.43 22.80
C SER C 420 34.66 -20.98 23.10
N VAL C 421 35.02 -19.76 22.68
CA VAL C 421 36.37 -19.27 22.91
C VAL C 421 36.61 -19.07 24.40
N SER C 422 35.61 -18.55 25.12
CA SER C 422 35.76 -18.36 26.56
C SER C 422 35.97 -19.69 27.27
N SER C 423 35.21 -20.72 26.87
CA SER C 423 35.41 -22.04 27.45
C SER C 423 36.80 -22.58 27.12
N GLU C 424 37.27 -22.34 25.89
CA GLU C 424 38.60 -22.78 25.52
C GLU C 424 39.67 -22.11 26.36
N LEU C 425 39.50 -20.81 26.64
CA LEU C 425 40.49 -20.08 27.42
C LEU C 425 40.62 -20.65 28.83
N ARG C 426 39.61 -21.37 29.30
CA ARG C 426 39.65 -22.03 30.59
C ARG C 426 40.98 -22.44 31.24
#